data_1IB4
#
_entry.id   1IB4
#
_cell.length_a   56.100
_cell.length_b   96.400
_cell.length_c   57.770
_cell.angle_alpha   90.00
_cell.angle_beta   107.30
_cell.angle_gamma   90.00
#
_symmetry.space_group_name_H-M   'P 1 21 1'
#
loop_
_entity.id
_entity.type
_entity.pdbx_description
1 polymer POLYGALACTURONASE
2 branched alpha-D-mannopyranose-(1-4)-2-acetamido-2-deoxy-beta-D-glucopyranose-(1-4)-2-acetamido-2-deoxy-beta-D-glucopyranose
3 non-polymer alpha-D-mannopyranose
4 non-polymer 'CADMIUM ION'
5 water water
#
_entity_poly.entity_id   1
_entity_poly.type   'polypeptide(L)'
_entity_poly.pdbx_seq_one_letter_code
;ATTCTFSGSNGASSASKSKTSCSTIVLSNVAVPSGTTLDLTKLNDGTHVIFSGETTFGYKEWSGPLISVSGSDLTITGAS
GHSINGDGSRWWDGEGGNGGKTKPKFFAAHSLTNSVISGLKIVNSPVQVFSVAGSDYLTLKDITIDNSDGDDNGGHNTDA
FDIGTSTYVTISGATVYNQDDCVAVNSGENIYFSGGYCSGGHGLSIGSVGGRSDNTVKNVTFVDSTIINSDNGVRIKTNI
DTTGSVSDVTYKDITLTSIAKYGIVVQQNYGDTSSTPTTGVPITDFVLDNVHGSVVSSGTNILISCGSGSCSDWTWTDVS
VSGGKTSSKCTNVPSGASC
;
_entity_poly.pdbx_strand_id   A,B
#
loop_
_chem_comp.id
_chem_comp.type
_chem_comp.name
_chem_comp.formula
CD non-polymer 'CADMIUM ION' 'Cd 2'
MAN D-saccharide, alpha linking alpha-D-mannopyranose 'C6 H12 O6'
NAG D-saccharide, beta linking 2-acetamido-2-deoxy-beta-D-glucopyranose 'C8 H15 N O6'
#
# COMPACT_ATOMS: atom_id res chain seq x y z
N ALA A 1 -45.23 -7.72 -16.56
CA ALA A 1 -43.83 -7.32 -16.59
C ALA A 1 -43.68 -5.82 -16.33
N THR A 2 -43.50 -5.48 -15.06
CA THR A 2 -43.35 -4.08 -14.67
C THR A 2 -42.05 -3.45 -15.15
N THR A 3 -42.09 -2.14 -15.29
CA THR A 3 -40.92 -1.34 -15.59
C THR A 3 -40.96 -0.07 -14.75
N CYS A 4 -39.85 0.31 -14.12
CA CYS A 4 -39.84 1.49 -13.27
C CYS A 4 -38.70 2.44 -13.64
N THR A 5 -39.01 3.72 -13.64
CA THR A 5 -38.04 4.79 -13.87
C THR A 5 -37.88 5.66 -12.63
N PHE A 6 -36.65 5.84 -12.19
CA PHE A 6 -36.33 6.75 -11.09
C PHE A 6 -35.35 7.80 -11.58
N SER A 7 -35.56 9.05 -11.18
CA SER A 7 -34.73 10.13 -11.71
C SER A 7 -34.50 11.23 -10.68
N GLY A 8 -33.52 12.09 -10.93
CA GLY A 8 -33.22 13.22 -10.09
C GLY A 8 -32.57 12.87 -8.77
N SER A 9 -32.91 13.67 -7.76
CA SER A 9 -32.28 13.68 -6.45
C SER A 9 -32.93 12.77 -5.43
N ASN A 10 -34.15 12.31 -5.69
CA ASN A 10 -34.78 11.34 -4.79
C ASN A 10 -34.92 9.98 -5.45
N GLY A 11 -34.28 9.78 -6.60
CA GLY A 11 -34.37 8.53 -7.33
C GLY A 11 -33.78 7.36 -6.59
N ALA A 12 -32.64 7.62 -5.97
CA ALA A 12 -31.89 6.61 -5.24
C ALA A 12 -32.76 6.01 -4.14
N SER A 13 -33.43 6.92 -3.44
CA SER A 13 -34.35 6.58 -2.37
C SER A 13 -35.47 5.68 -2.88
N SER A 14 -36.19 6.15 -3.91
CA SER A 14 -37.30 5.36 -4.46
C SER A 14 -36.82 4.03 -4.99
N ALA A 15 -35.66 4.07 -5.65
CA ALA A 15 -35.08 2.84 -6.19
C ALA A 15 -34.89 1.80 -5.10
N SER A 16 -34.25 2.23 -4.01
CA SER A 16 -33.96 1.28 -2.94
C SER A 16 -35.23 0.75 -2.29
N LYS A 17 -36.26 1.59 -2.31
CA LYS A 17 -37.54 1.26 -1.71
C LYS A 17 -38.39 0.42 -2.64
N SER A 18 -38.23 0.53 -3.96
CA SER A 18 -39.16 -0.25 -4.77
C SER A 18 -38.53 -1.31 -5.66
N LYS A 19 -37.22 -1.51 -5.59
CA LYS A 19 -36.50 -2.40 -6.49
C LYS A 19 -37.05 -3.82 -6.56
N THR A 20 -37.72 -4.31 -5.52
CA THR A 20 -38.16 -5.70 -5.61
C THR A 20 -39.56 -5.78 -6.18
N SER A 21 -40.01 -4.65 -6.72
CA SER A 21 -41.33 -4.63 -7.35
C SER A 21 -41.21 -4.33 -8.84
N CYS A 22 -39.98 -4.24 -9.34
CA CYS A 22 -39.68 -3.81 -10.68
C CYS A 22 -38.89 -4.85 -11.46
N SER A 23 -39.41 -5.39 -12.56
CA SER A 23 -38.60 -6.35 -13.32
C SER A 23 -37.45 -5.64 -14.04
N THR A 24 -37.72 -4.39 -14.39
CA THR A 24 -36.75 -3.52 -15.04
C THR A 24 -36.73 -2.17 -14.35
N ILE A 25 -35.54 -1.79 -13.90
CA ILE A 25 -35.45 -0.46 -13.30
C ILE A 25 -34.52 0.40 -14.16
N VAL A 26 -35.04 1.54 -14.58
CA VAL A 26 -34.30 2.52 -15.35
C VAL A 26 -33.94 3.71 -14.47
N LEU A 27 -32.64 3.95 -14.35
CA LEU A 27 -32.11 5.07 -13.59
C LEU A 27 -31.71 6.19 -14.55
N SER A 28 -32.49 7.26 -14.56
CA SER A 28 -32.28 8.38 -15.48
C SER A 28 -31.82 9.63 -14.74
N ASN A 29 -30.59 10.06 -14.96
CA ASN A 29 -30.10 11.30 -14.38
C ASN A 29 -30.29 11.32 -12.86
N VAL A 30 -29.97 10.19 -12.24
CA VAL A 30 -30.13 10.10 -10.79
C VAL A 30 -28.94 10.79 -10.14
N ALA A 31 -29.21 11.66 -9.18
CA ALA A 31 -28.17 12.32 -8.41
C ALA A 31 -28.19 11.76 -7.00
N VAL A 32 -27.19 10.94 -6.68
CA VAL A 32 -27.08 10.26 -5.40
C VAL A 32 -26.62 11.19 -4.29
N PRO A 33 -27.43 11.30 -3.24
CA PRO A 33 -27.10 12.15 -2.09
C PRO A 33 -25.70 11.86 -1.55
N SER A 34 -24.98 12.88 -1.08
CA SER A 34 -23.64 12.66 -0.56
C SER A 34 -23.67 11.68 0.61
N GLY A 35 -22.63 10.86 0.68
CA GLY A 35 -22.43 9.90 1.74
C GLY A 35 -23.36 8.72 1.70
N THR A 36 -24.09 8.55 0.59
CA THR A 36 -24.98 7.39 0.56
C THR A 36 -24.60 6.51 -0.63
N THR A 37 -25.08 5.29 -0.60
CA THR A 37 -24.79 4.27 -1.57
C THR A 37 -26.00 4.09 -2.48
N LEU A 38 -25.78 4.01 -3.80
CA LEU A 38 -26.94 3.60 -4.61
C LEU A 38 -27.17 2.12 -4.32
N ASP A 39 -28.16 1.82 -3.47
CA ASP A 39 -28.35 0.46 -2.98
C ASP A 39 -29.23 -0.37 -3.90
N LEU A 40 -28.57 -1.16 -4.74
CA LEU A 40 -29.14 -2.06 -5.73
C LEU A 40 -28.95 -3.50 -5.28
N THR A 41 -28.73 -3.64 -3.99
CA THR A 41 -28.48 -4.89 -3.30
C THR A 41 -29.70 -5.80 -3.29
N LYS A 42 -29.48 -7.10 -3.39
CA LYS A 42 -30.58 -8.05 -3.18
C LYS A 42 -31.73 -7.87 -4.13
N LEU A 43 -31.46 -7.66 -5.41
CA LEU A 43 -32.51 -7.53 -6.42
C LEU A 43 -33.23 -8.85 -6.63
N ASN A 44 -34.46 -8.82 -7.17
CA ASN A 44 -35.09 -10.10 -7.49
C ASN A 44 -34.38 -10.77 -8.67
N ASP A 45 -34.30 -12.09 -8.58
CA ASP A 45 -33.70 -12.94 -9.59
C ASP A 45 -34.17 -12.51 -10.98
N GLY A 46 -33.23 -12.25 -11.88
CA GLY A 46 -33.56 -11.85 -13.23
C GLY A 46 -33.75 -10.37 -13.44
N THR A 47 -33.62 -9.53 -12.42
CA THR A 47 -33.83 -8.10 -12.64
C THR A 47 -32.91 -7.49 -13.70
N HIS A 48 -33.46 -6.55 -14.48
CA HIS A 48 -32.71 -5.75 -15.43
C HIS A 48 -32.60 -4.31 -14.92
N VAL A 49 -31.38 -3.80 -14.97
CA VAL A 49 -31.09 -2.43 -14.56
C VAL A 49 -30.51 -1.66 -15.74
N ILE A 50 -31.11 -0.52 -16.03
CA ILE A 50 -30.60 0.30 -17.12
C ILE A 50 -30.15 1.65 -16.57
N PHE A 51 -28.90 1.98 -16.82
CA PHE A 51 -28.35 3.29 -16.48
C PHE A 51 -28.57 4.22 -17.69
N SER A 52 -29.25 5.33 -17.49
CA SER A 52 -29.59 6.29 -18.52
C SER A 52 -29.19 7.71 -18.12
N GLY A 53 -28.96 8.58 -19.10
CA GLY A 53 -28.51 9.93 -18.79
C GLY A 53 -27.26 9.96 -17.94
N GLU A 54 -27.14 10.95 -17.05
CA GLU A 54 -25.92 11.06 -16.26
C GLU A 54 -26.16 10.83 -14.78
N THR A 55 -25.47 9.85 -14.20
CA THR A 55 -25.55 9.54 -12.79
C THR A 55 -24.45 10.28 -12.02
N THR A 56 -24.80 10.96 -10.94
CA THR A 56 -23.87 11.79 -10.18
C THR A 56 -23.99 11.49 -8.70
N PHE A 57 -22.98 11.92 -7.93
CA PHE A 57 -22.94 11.64 -6.51
C PHE A 57 -22.59 12.90 -5.73
N GLY A 58 -23.21 13.10 -4.58
CA GLY A 58 -22.86 14.25 -3.75
C GLY A 58 -21.49 14.07 -3.12
N TYR A 59 -20.84 15.19 -2.80
CA TYR A 59 -19.47 15.09 -2.34
C TYR A 59 -19.35 14.89 -0.83
N LYS A 60 -18.58 13.88 -0.43
CA LYS A 60 -18.32 13.74 1.00
C LYS A 60 -17.16 12.79 1.25
N GLU A 61 -16.37 13.07 2.29
CA GLU A 61 -15.31 12.15 2.67
C GLU A 61 -15.89 10.92 3.35
N TRP A 62 -15.97 9.81 2.63
CA TRP A 62 -16.38 8.52 3.20
C TRP A 62 -15.77 7.38 2.39
N SER A 63 -16.14 6.15 2.72
CA SER A 63 -15.42 5.02 2.13
C SER A 63 -16.20 4.33 1.03
N GLY A 64 -17.44 4.77 0.82
CA GLY A 64 -18.26 4.14 -0.20
C GLY A 64 -18.82 2.80 0.28
N PRO A 65 -19.31 1.96 -0.62
CA PRO A 65 -19.28 2.23 -2.06
C PRO A 65 -20.39 3.16 -2.51
N LEU A 66 -20.12 3.85 -3.62
CA LEU A 66 -21.07 4.77 -4.24
C LEU A 66 -22.25 3.97 -4.79
N ILE A 67 -21.93 2.81 -5.35
CA ILE A 67 -22.94 1.91 -5.91
C ILE A 67 -22.74 0.49 -5.41
N SER A 68 -23.83 -0.22 -5.14
CA SER A 68 -23.77 -1.60 -4.69
C SER A 68 -24.89 -2.47 -5.28
N VAL A 69 -24.48 -3.51 -5.99
CA VAL A 69 -25.39 -4.45 -6.61
C VAL A 69 -25.09 -5.89 -6.19
N SER A 70 -26.15 -6.67 -5.99
CA SER A 70 -26.02 -8.06 -5.57
C SER A 70 -27.25 -8.83 -6.01
N GLY A 71 -27.13 -10.14 -6.23
CA GLY A 71 -28.30 -10.91 -6.67
C GLY A 71 -28.00 -11.89 -7.77
N SER A 72 -29.06 -12.47 -8.34
CA SER A 72 -28.98 -13.58 -9.26
C SER A 72 -29.64 -13.37 -10.62
N ASP A 73 -28.94 -13.81 -11.66
CA ASP A 73 -29.47 -13.73 -13.02
C ASP A 73 -29.81 -12.28 -13.35
N LEU A 74 -28.91 -11.40 -12.92
CA LEU A 74 -29.13 -9.99 -13.18
C LEU A 74 -28.53 -9.53 -14.49
N THR A 75 -29.22 -8.55 -15.08
CA THR A 75 -28.71 -7.86 -16.24
C THR A 75 -28.58 -6.37 -15.97
N ILE A 76 -27.35 -5.84 -16.05
CA ILE A 76 -27.27 -4.39 -15.83
C ILE A 76 -26.49 -3.74 -16.97
N THR A 77 -27.12 -2.72 -17.56
CA THR A 77 -26.54 -2.10 -18.75
C THR A 77 -26.60 -0.58 -18.69
N GLY A 78 -25.83 0.00 -19.60
CA GLY A 78 -25.76 1.44 -19.81
C GLY A 78 -26.42 1.79 -21.14
N ALA A 79 -27.41 2.65 -21.10
CA ALA A 79 -28.08 3.13 -22.31
C ALA A 79 -27.11 3.96 -23.14
N SER A 80 -27.33 3.99 -24.45
CA SER A 80 -26.51 4.86 -25.30
C SER A 80 -26.56 6.28 -24.73
N GLY A 81 -25.41 6.93 -24.70
CA GLY A 81 -25.31 8.30 -24.26
C GLY A 81 -25.23 8.44 -22.75
N HIS A 82 -25.45 7.35 -22.01
CA HIS A 82 -25.40 7.50 -20.56
C HIS A 82 -23.97 7.72 -20.08
N SER A 83 -23.84 8.16 -18.83
CA SER A 83 -22.52 8.07 -18.22
C SER A 83 -22.67 8.03 -16.71
N ILE A 84 -21.67 7.43 -16.08
CA ILE A 84 -21.81 7.42 -14.60
C ILE A 84 -20.60 8.13 -14.02
N ASN A 85 -20.84 9.38 -13.64
CA ASN A 85 -19.77 10.35 -13.42
C ASN A 85 -19.38 10.52 -11.97
N GLY A 86 -18.22 10.02 -11.55
CA GLY A 86 -17.77 10.19 -10.18
C GLY A 86 -17.27 11.58 -9.80
N ASP A 87 -16.86 12.38 -10.78
CA ASP A 87 -16.25 13.69 -10.61
C ASP A 87 -15.24 13.65 -9.45
N GLY A 88 -14.28 12.75 -9.64
CA GLY A 88 -13.34 12.35 -8.61
C GLY A 88 -12.37 13.44 -8.23
N SER A 89 -12.22 14.43 -9.11
CA SER A 89 -11.30 15.53 -8.85
C SER A 89 -11.71 16.34 -7.62
N ARG A 90 -12.92 16.16 -7.10
CA ARG A 90 -13.33 16.73 -5.83
C ARG A 90 -12.51 16.12 -4.69
N TRP A 91 -12.01 14.90 -4.87
CA TRP A 91 -11.30 14.17 -3.84
C TRP A 91 -9.80 14.00 -4.10
N TRP A 92 -9.38 13.89 -5.35
CA TRP A 92 -7.97 13.70 -5.69
C TRP A 92 -7.07 14.72 -5.00
N ASP A 93 -6.10 14.20 -4.24
CA ASP A 93 -5.18 15.02 -3.48
C ASP A 93 -3.76 14.45 -3.49
N GLY A 94 -3.53 13.54 -4.44
CA GLY A 94 -2.24 12.90 -4.57
C GLY A 94 -2.04 11.75 -3.62
N GLU A 95 -2.88 11.63 -2.58
CA GLU A 95 -2.58 10.58 -1.60
C GLU A 95 -3.41 9.32 -1.76
N GLY A 96 -4.36 9.29 -2.67
CA GLY A 96 -5.17 8.12 -2.94
C GLY A 96 -5.83 7.52 -1.72
N GLY A 97 -5.81 6.19 -1.59
CA GLY A 97 -6.47 5.61 -0.43
C GLY A 97 -5.52 5.42 0.73
N ASN A 98 -4.34 6.03 0.68
CA ASN A 98 -3.36 5.82 1.74
C ASN A 98 -3.17 7.08 2.57
N GLY A 99 -4.05 8.05 2.35
CA GLY A 99 -3.93 9.31 3.07
C GLY A 99 -4.86 10.38 2.53
N GLY A 100 -4.71 11.57 3.10
CA GLY A 100 -5.47 12.73 2.69
C GLY A 100 -6.95 12.53 2.96
N LYS A 101 -7.77 12.88 1.98
CA LYS A 101 -9.22 12.75 2.08
C LYS A 101 -9.64 11.29 2.12
N THR A 102 -10.66 10.96 2.90
CA THR A 102 -11.21 9.61 2.70
C THR A 102 -12.01 9.64 1.42
N LYS A 103 -11.66 8.70 0.54
CA LYS A 103 -12.33 8.68 -0.76
C LYS A 103 -13.19 7.42 -0.85
N PRO A 104 -14.36 7.48 -1.47
CA PRO A 104 -15.24 6.31 -1.54
C PRO A 104 -14.95 5.38 -2.71
N LYS A 105 -14.99 4.08 -2.47
CA LYS A 105 -14.90 3.07 -3.52
C LYS A 105 -16.10 3.25 -4.45
N PHE A 106 -16.01 2.87 -5.72
CA PHE A 106 -17.10 3.17 -6.63
C PHE A 106 -18.16 2.07 -6.69
N PHE A 107 -17.79 0.90 -7.20
CA PHE A 107 -18.78 -0.14 -7.54
C PHE A 107 -18.56 -1.47 -6.86
N ALA A 108 -19.44 -1.80 -5.92
CA ALA A 108 -19.39 -3.08 -5.24
C ALA A 108 -20.23 -4.12 -5.98
N ALA A 109 -19.53 -4.93 -6.75
CA ALA A 109 -20.10 -6.07 -7.45
C ALA A 109 -19.92 -7.31 -6.58
N HIS A 110 -20.63 -7.37 -5.45
CA HIS A 110 -20.42 -8.46 -4.50
C HIS A 110 -21.64 -9.39 -4.50
N SER A 111 -21.40 -10.68 -4.30
CA SER A 111 -22.49 -11.65 -4.23
C SER A 111 -23.38 -11.57 -5.46
N LEU A 112 -22.76 -11.71 -6.63
CA LEU A 112 -23.46 -11.76 -7.89
C LEU A 112 -23.31 -13.15 -8.50
N THR A 113 -24.41 -13.72 -9.00
CA THR A 113 -24.32 -15.06 -9.60
C THR A 113 -24.98 -15.04 -10.97
N ASN A 114 -24.36 -15.66 -11.97
CA ASN A 114 -24.98 -15.74 -13.29
C ASN A 114 -25.46 -14.40 -13.81
N SER A 115 -24.59 -13.38 -13.81
CA SER A 115 -25.06 -12.03 -14.09
C SER A 115 -24.14 -11.33 -15.07
N VAL A 116 -24.72 -10.31 -15.73
CA VAL A 116 -23.92 -9.60 -16.73
C VAL A 116 -23.95 -8.11 -16.44
N ILE A 117 -22.78 -7.51 -16.60
CA ILE A 117 -22.63 -6.06 -16.52
C ILE A 117 -21.97 -5.59 -17.81
N SER A 118 -22.68 -4.78 -18.61
CA SER A 118 -22.09 -4.41 -19.89
C SER A 118 -22.42 -3.00 -20.35
N GLY A 119 -21.45 -2.37 -21.02
CA GLY A 119 -21.69 -1.10 -21.67
C GLY A 119 -21.58 0.10 -20.74
N LEU A 120 -21.20 -0.16 -19.50
CA LEU A 120 -21.10 0.89 -18.51
C LEU A 120 -19.90 1.78 -18.81
N LYS A 121 -20.17 3.07 -18.84
CA LYS A 121 -19.18 4.11 -19.01
C LYS A 121 -18.98 4.81 -17.66
N ILE A 122 -17.81 4.62 -17.05
CA ILE A 122 -17.51 5.27 -15.77
C ILE A 122 -16.44 6.34 -15.95
N VAL A 123 -16.74 7.53 -15.44
CA VAL A 123 -15.85 8.69 -15.58
C VAL A 123 -15.39 9.25 -14.24
N ASN A 124 -14.07 9.41 -14.11
CA ASN A 124 -13.41 10.05 -12.99
C ASN A 124 -13.79 9.48 -11.63
N SER A 125 -13.40 8.24 -11.35
CA SER A 125 -13.66 7.66 -10.05
C SER A 125 -12.73 8.30 -9.03
N PRO A 126 -13.25 8.52 -7.83
CA PRO A 126 -12.43 9.02 -6.71
C PRO A 126 -11.24 8.11 -6.43
N VAL A 127 -11.48 6.80 -6.37
CA VAL A 127 -10.38 5.86 -6.10
C VAL A 127 -10.65 4.55 -6.82
N GLN A 128 -10.59 3.35 -6.24
CA GLN A 128 -10.81 2.15 -7.05
C GLN A 128 -12.23 2.08 -7.62
N VAL A 129 -12.39 1.46 -8.78
CA VAL A 129 -13.71 1.44 -9.44
C VAL A 129 -14.49 0.18 -9.11
N PHE A 130 -14.16 -0.93 -9.78
CA PHE A 130 -14.92 -2.16 -9.60
C PHE A 130 -14.26 -3.03 -8.53
N SER A 131 -15.06 -3.29 -7.51
CA SER A 131 -14.68 -4.27 -6.50
C SER A 131 -15.52 -5.52 -6.75
N VAL A 132 -14.88 -6.58 -7.22
CA VAL A 132 -15.61 -7.83 -7.49
C VAL A 132 -15.37 -8.80 -6.35
N ALA A 133 -16.38 -9.36 -5.69
CA ALA A 133 -16.10 -10.28 -4.59
C ALA A 133 -17.24 -11.26 -4.34
N GLY A 134 -16.90 -12.47 -3.92
CA GLY A 134 -17.84 -13.55 -3.65
C GLY A 134 -18.87 -13.72 -4.75
N SER A 135 -18.43 -13.63 -6.00
CA SER A 135 -19.30 -13.74 -7.16
C SER A 135 -18.92 -14.95 -8.02
N ASP A 136 -19.90 -15.49 -8.72
CA ASP A 136 -19.76 -16.68 -9.55
C ASP A 136 -20.49 -16.55 -10.88
N TYR A 137 -19.77 -16.77 -11.97
CA TYR A 137 -20.36 -16.67 -13.31
C TYR A 137 -20.86 -15.23 -13.50
N LEU A 138 -19.90 -14.33 -13.53
CA LEU A 138 -20.09 -12.90 -13.70
C LEU A 138 -19.38 -12.43 -14.96
N THR A 139 -20.11 -11.71 -15.79
CA THR A 139 -19.54 -11.16 -17.02
C THR A 139 -19.53 -9.63 -16.98
N LEU A 140 -18.35 -9.08 -17.22
CA LEU A 140 -18.15 -7.63 -17.31
C LEU A 140 -17.81 -7.31 -18.76
N LYS A 141 -18.79 -6.75 -19.48
CA LYS A 141 -18.62 -6.65 -20.93
C LYS A 141 -18.64 -5.22 -21.44
N ASP A 142 -17.70 -4.88 -22.32
CA ASP A 142 -17.61 -3.57 -22.94
C ASP A 142 -17.70 -2.45 -21.90
N ILE A 143 -16.84 -2.50 -20.90
CA ILE A 143 -16.81 -1.48 -19.87
C ILE A 143 -15.79 -0.41 -20.24
N THR A 144 -16.17 0.87 -20.11
CA THR A 144 -15.20 1.95 -20.31
C THR A 144 -14.99 2.69 -19.00
N ILE A 145 -13.72 2.87 -18.65
CA ILE A 145 -13.39 3.61 -17.43
C ILE A 145 -12.43 4.71 -17.86
N ASP A 146 -12.89 5.96 -17.76
CA ASP A 146 -11.99 7.04 -18.16
C ASP A 146 -11.72 7.97 -16.98
N ASN A 147 -10.54 7.78 -16.42
CA ASN A 147 -9.98 8.56 -15.34
C ASN A 147 -8.78 9.37 -15.85
N SER A 148 -8.75 9.58 -17.16
CA SER A 148 -7.63 10.29 -17.78
C SER A 148 -7.39 11.64 -17.13
N ASP A 149 -8.45 12.29 -16.63
CA ASP A 149 -8.31 13.57 -15.96
C ASP A 149 -7.41 13.47 -14.74
N GLY A 150 -7.27 12.26 -14.20
CA GLY A 150 -6.49 12.15 -12.99
C GLY A 150 -5.00 12.12 -13.23
N ASP A 151 -4.59 12.03 -14.50
CA ASP A 151 -3.17 11.86 -14.83
C ASP A 151 -2.28 12.88 -14.15
N ASP A 152 -2.64 14.16 -14.30
CA ASP A 152 -1.86 15.20 -13.64
C ASP A 152 -2.79 16.00 -12.75
N ASN A 153 -3.60 15.27 -11.99
CA ASN A 153 -4.62 15.86 -11.14
C ASN A 153 -4.74 15.12 -9.82
N GLY A 154 -3.71 14.34 -9.46
CA GLY A 154 -3.67 13.72 -8.15
C GLY A 154 -4.43 12.43 -8.00
N GLY A 155 -4.90 11.85 -9.10
CA GLY A 155 -5.56 10.55 -9.08
C GLY A 155 -4.52 9.48 -8.73
N HIS A 156 -4.89 8.62 -7.78
CA HIS A 156 -4.04 7.56 -7.30
C HIS A 156 -4.87 6.36 -6.87
N ASN A 157 -4.39 5.12 -7.08
CA ASN A 157 -5.18 3.98 -6.63
C ASN A 157 -6.52 3.86 -7.32
N THR A 158 -6.56 4.20 -8.61
CA THR A 158 -7.82 4.10 -9.33
C THR A 158 -7.89 2.79 -10.09
N ASP A 159 -7.68 1.67 -9.40
CA ASP A 159 -7.83 0.35 -10.00
C ASP A 159 -9.16 0.26 -10.76
N ALA A 160 -9.14 -0.34 -11.94
CA ALA A 160 -10.31 -0.59 -12.75
C ALA A 160 -11.09 -1.80 -12.25
N PHE A 161 -10.41 -2.93 -12.05
CA PHE A 161 -11.05 -4.17 -11.65
C PHE A 161 -10.31 -4.89 -10.54
N ASP A 162 -10.82 -4.86 -9.31
CA ASP A 162 -10.12 -5.62 -8.27
C ASP A 162 -10.90 -6.92 -8.04
N ILE A 163 -10.24 -8.07 -8.12
CA ILE A 163 -11.00 -9.34 -8.07
C ILE A 163 -10.53 -10.21 -6.93
N GLY A 164 -11.50 -10.80 -6.23
CA GLY A 164 -11.19 -11.70 -5.14
C GLY A 164 -12.38 -12.62 -4.88
N THR A 165 -12.08 -13.73 -4.24
CA THR A 165 -13.06 -14.71 -3.79
C THR A 165 -14.21 -14.90 -4.78
N SER A 166 -13.86 -15.18 -6.03
CA SER A 166 -14.89 -15.29 -7.06
C SER A 166 -14.49 -16.33 -8.10
N THR A 167 -15.46 -16.88 -8.83
CA THR A 167 -15.15 -17.87 -9.85
C THR A 167 -15.87 -17.59 -11.16
N TYR A 168 -15.29 -18.05 -12.27
CA TYR A 168 -15.92 -17.83 -13.57
C TYR A 168 -16.26 -16.36 -13.79
N VAL A 169 -15.25 -15.51 -13.62
CA VAL A 169 -15.47 -14.10 -13.94
C VAL A 169 -14.84 -13.81 -15.29
N THR A 170 -15.65 -13.24 -16.17
CA THR A 170 -15.17 -12.97 -17.52
C THR A 170 -15.21 -11.47 -17.75
N ILE A 171 -14.12 -10.93 -18.28
CA ILE A 171 -14.00 -9.51 -18.60
C ILE A 171 -13.57 -9.37 -20.06
N SER A 172 -14.46 -8.77 -20.85
CA SER A 172 -14.19 -8.63 -22.28
C SER A 172 -14.46 -7.22 -22.77
N GLY A 173 -13.57 -6.75 -23.63
CA GLY A 173 -13.69 -5.44 -24.26
C GLY A 173 -13.59 -4.27 -23.32
N ALA A 174 -12.78 -4.38 -22.26
CA ALA A 174 -12.68 -3.24 -21.36
C ALA A 174 -11.74 -2.18 -21.93
N THR A 175 -12.13 -0.92 -21.78
CA THR A 175 -11.27 0.20 -22.14
C THR A 175 -11.01 0.99 -20.86
N VAL A 176 -9.72 1.12 -20.52
CA VAL A 176 -9.36 1.68 -19.24
C VAL A 176 -8.23 2.70 -19.36
N TYR A 177 -8.48 3.88 -18.81
CA TYR A 177 -7.50 4.94 -18.64
C TYR A 177 -7.41 5.26 -17.15
N ASN A 178 -6.32 4.86 -16.48
CA ASN A 178 -6.26 5.14 -15.05
C ASN A 178 -4.83 5.34 -14.57
N GLN A 179 -4.60 5.12 -13.28
CA GLN A 179 -3.38 5.44 -12.59
C GLN A 179 -2.88 4.32 -11.69
N ASP A 180 -3.51 3.17 -11.76
CA ASP A 180 -3.11 1.98 -11.00
C ASP A 180 -3.39 0.73 -11.82
N ASP A 181 -3.45 -0.44 -11.20
CA ASP A 181 -3.69 -1.68 -11.91
C ASP A 181 -4.90 -1.61 -12.83
N CYS A 182 -4.73 -2.14 -14.03
CA CYS A 182 -5.86 -2.24 -14.95
C CYS A 182 -6.80 -3.37 -14.52
N VAL A 183 -6.15 -4.43 -14.04
CA VAL A 183 -6.73 -5.56 -13.37
C VAL A 183 -5.77 -6.04 -12.27
N ALA A 184 -6.34 -6.38 -11.14
CA ALA A 184 -5.62 -6.98 -10.02
C ALA A 184 -6.44 -8.16 -9.49
N VAL A 185 -5.90 -9.36 -9.67
CA VAL A 185 -6.56 -10.55 -9.14
C VAL A 185 -5.92 -10.94 -7.82
N ASN A 186 -6.63 -10.68 -6.72
CA ASN A 186 -6.12 -10.95 -5.38
C ASN A 186 -6.36 -12.42 -5.02
N SER A 187 -7.41 -12.97 -5.59
CA SER A 187 -7.76 -14.38 -5.43
C SER A 187 -8.92 -14.75 -6.35
N GLY A 188 -9.13 -16.03 -6.64
CA GLY A 188 -10.24 -16.47 -7.44
C GLY A 188 -9.85 -17.53 -8.45
N GLU A 189 -10.83 -18.07 -9.17
CA GLU A 189 -10.56 -19.17 -10.07
C GLU A 189 -11.32 -19.05 -11.40
N ASN A 190 -10.65 -19.43 -12.48
CA ASN A 190 -11.31 -19.46 -13.78
C ASN A 190 -11.72 -18.06 -14.18
N ILE A 191 -10.67 -17.26 -14.36
CA ILE A 191 -10.87 -15.86 -14.73
C ILE A 191 -10.31 -15.63 -16.12
N TYR A 192 -11.04 -14.85 -16.90
CA TYR A 192 -10.69 -14.69 -18.31
C TYR A 192 -10.88 -13.25 -18.74
N PHE A 193 -9.82 -12.64 -19.24
CA PHE A 193 -9.85 -11.25 -19.70
C PHE A 193 -9.43 -11.20 -21.16
N SER A 194 -10.24 -10.63 -22.04
CA SER A 194 -9.85 -10.55 -23.45
C SER A 194 -10.28 -9.25 -24.11
N GLY A 195 -9.49 -8.83 -25.10
CA GLY A 195 -9.75 -7.66 -25.90
C GLY A 195 -9.73 -6.37 -25.11
N GLY A 196 -8.82 -6.24 -24.14
CA GLY A 196 -8.77 -5.02 -23.35
C GLY A 196 -7.73 -4.05 -23.85
N TYR A 197 -7.95 -2.79 -23.51
CA TYR A 197 -7.05 -1.69 -23.77
C TYR A 197 -6.72 -1.02 -22.45
N CYS A 198 -5.50 -1.15 -21.94
CA CYS A 198 -5.14 -0.60 -20.64
C CYS A 198 -4.14 0.55 -20.78
N SER A 199 -4.59 1.77 -20.50
CA SER A 199 -3.72 2.94 -20.61
C SER A 199 -3.49 3.68 -19.29
N GLY A 200 -2.26 4.13 -19.09
CA GLY A 200 -1.79 4.94 -18.02
C GLY A 200 -1.61 4.34 -16.66
N GLY A 201 -1.96 3.07 -16.48
CA GLY A 201 -1.96 2.48 -15.16
C GLY A 201 -0.78 1.60 -14.83
N HIS A 202 -1.01 0.53 -14.06
CA HIS A 202 0.16 -0.23 -13.60
C HIS A 202 0.17 -1.66 -14.13
N GLY A 203 -0.71 -1.93 -15.09
CA GLY A 203 -0.62 -3.15 -15.86
C GLY A 203 -1.69 -4.18 -15.63
N LEU A 204 -1.48 -5.37 -16.19
CA LEU A 204 -2.43 -6.47 -15.93
C LEU A 204 -1.84 -7.37 -14.88
N SER A 205 -2.26 -7.27 -13.60
CA SER A 205 -1.49 -8.07 -12.64
C SER A 205 -2.33 -9.12 -11.91
N ILE A 206 -1.63 -10.23 -11.70
CA ILE A 206 -2.01 -11.22 -10.71
C ILE A 206 -1.53 -10.68 -9.36
N GLY A 207 -2.46 -10.52 -8.42
CA GLY A 207 -1.99 -10.06 -7.13
C GLY A 207 -2.28 -8.63 -6.75
N SER A 208 -1.85 -8.21 -5.56
CA SER A 208 -1.05 -8.93 -4.59
C SER A 208 -1.77 -10.07 -3.86
N VAL A 209 -1.06 -11.18 -3.78
CA VAL A 209 -1.51 -12.45 -3.28
C VAL A 209 -0.88 -12.73 -1.92
N GLY A 210 -1.67 -13.17 -0.96
CA GLY A 210 -1.19 -13.60 0.35
C GLY A 210 -1.51 -12.56 1.40
N GLY A 211 -1.84 -13.00 2.61
CA GLY A 211 -2.11 -12.08 3.71
C GLY A 211 -3.57 -11.65 3.75
N ARG A 212 -4.43 -12.53 3.28
CA ARG A 212 -5.85 -12.27 3.17
C ARG A 212 -6.61 -13.54 3.57
N SER A 213 -7.92 -13.50 3.45
CA SER A 213 -8.84 -14.61 3.69
C SER A 213 -8.58 -15.74 2.69
N ASP A 214 -8.57 -15.35 1.42
CA ASP A 214 -8.31 -16.25 0.30
C ASP A 214 -7.02 -15.85 -0.39
N ASN A 215 -6.06 -16.77 -0.47
CA ASN A 215 -4.76 -16.53 -1.07
C ASN A 215 -4.49 -17.47 -2.24
N THR A 216 -5.56 -17.90 -2.88
CA THR A 216 -5.44 -18.82 -4.02
C THR A 216 -5.88 -18.19 -5.34
N VAL A 217 -4.98 -18.25 -6.31
CA VAL A 217 -5.20 -17.83 -7.69
C VAL A 217 -5.00 -19.01 -8.63
N LYS A 218 -6.04 -19.36 -9.38
CA LYS A 218 -5.84 -20.50 -10.28
C LYS A 218 -6.60 -20.32 -11.60
N ASN A 219 -5.93 -20.66 -12.71
CA ASN A 219 -6.57 -20.66 -14.02
C ASN A 219 -7.05 -19.26 -14.41
N VAL A 220 -6.07 -18.40 -14.67
CA VAL A 220 -6.32 -17.04 -15.09
C VAL A 220 -5.72 -16.80 -16.48
N THR A 221 -6.53 -16.24 -17.36
CA THR A 221 -6.10 -15.99 -18.73
C THR A 221 -6.35 -14.56 -19.17
N PHE A 222 -5.26 -13.93 -19.56
CA PHE A 222 -5.23 -12.64 -20.22
C PHE A 222 -4.91 -12.87 -21.70
N VAL A 223 -5.76 -12.36 -22.59
CA VAL A 223 -5.51 -12.60 -24.01
C VAL A 223 -5.95 -11.44 -24.91
N ASP A 224 -5.30 -11.29 -26.04
CA ASP A 224 -5.64 -10.33 -27.07
C ASP A 224 -5.90 -8.93 -26.54
N SER A 225 -4.93 -8.37 -25.82
CA SER A 225 -5.13 -7.12 -25.12
C SER A 225 -3.89 -6.24 -25.29
N THR A 226 -4.09 -4.94 -25.13
CA THR A 226 -3.00 -3.97 -25.19
C THR A 226 -2.78 -3.28 -23.85
N ILE A 227 -1.52 -3.18 -23.44
CA ILE A 227 -1.11 -2.36 -22.30
C ILE A 227 -0.23 -1.23 -22.85
N ILE A 228 -0.61 0.01 -22.62
CA ILE A 228 0.05 1.13 -23.30
C ILE A 228 0.30 2.27 -22.32
N ASN A 229 1.48 2.89 -22.42
CA ASN A 229 1.86 3.99 -21.56
C ASN A 229 1.57 3.67 -20.10
N SER A 230 1.98 2.48 -19.64
CA SER A 230 1.85 2.08 -18.25
C SER A 230 3.20 1.78 -17.62
N ASP A 231 3.24 1.76 -16.28
CA ASP A 231 4.47 1.49 -15.55
C ASP A 231 4.98 0.06 -15.78
N ASN A 232 4.05 -0.88 -15.81
CA ASN A 232 4.34 -2.29 -15.98
C ASN A 232 3.43 -2.89 -17.03
N GLY A 233 3.88 -3.98 -17.66
CA GLY A 233 2.98 -4.67 -18.58
C GLY A 233 2.34 -5.85 -17.86
N VAL A 234 3.03 -6.98 -17.92
CA VAL A 234 2.71 -8.25 -17.30
C VAL A 234 3.23 -8.27 -15.87
N ARG A 235 2.36 -8.47 -14.88
CA ARG A 235 2.85 -8.48 -13.50
C ARG A 235 2.16 -9.51 -12.61
N ILE A 236 3.03 -10.22 -11.91
CA ILE A 236 2.67 -11.11 -10.83
C ILE A 236 3.35 -10.61 -9.55
N LYS A 237 2.53 -10.21 -8.58
CA LYS A 237 3.13 -9.75 -7.32
C LYS A 237 2.63 -10.59 -6.16
N THR A 238 3.53 -11.25 -5.44
CA THR A 238 3.02 -11.98 -4.26
C THR A 238 3.62 -11.33 -3.02
N ASN A 239 2.83 -11.25 -1.96
CA ASN A 239 3.33 -10.49 -0.81
C ASN A 239 4.45 -11.24 -0.09
N ILE A 240 5.50 -10.52 0.26
CA ILE A 240 6.60 -11.17 0.96
C ILE A 240 6.19 -11.75 2.30
N ASP A 241 6.66 -12.94 2.63
CA ASP A 241 6.43 -13.53 3.94
C ASP A 241 4.95 -13.88 4.16
N THR A 242 4.31 -14.28 3.06
CA THR A 242 2.92 -14.71 3.11
C THR A 242 2.81 -16.11 2.48
N THR A 243 1.65 -16.73 2.64
CA THR A 243 1.47 -18.04 2.03
C THR A 243 0.31 -18.02 1.05
N GLY A 244 0.38 -18.90 0.04
CA GLY A 244 -0.71 -18.88 -0.93
C GLY A 244 -0.34 -19.70 -2.14
N SER A 245 -1.13 -19.57 -3.21
CA SER A 245 -0.78 -20.34 -4.40
C SER A 245 -1.14 -19.56 -5.66
N VAL A 246 -0.22 -19.53 -6.61
CA VAL A 246 -0.56 -18.98 -7.92
C VAL A 246 -0.30 -20.04 -8.99
N SER A 247 -1.31 -20.49 -9.73
CA SER A 247 -0.99 -21.47 -10.77
C SER A 247 -1.92 -21.39 -11.98
N ASP A 248 -1.42 -21.82 -13.13
CA ASP A 248 -2.21 -21.89 -14.34
C ASP A 248 -2.60 -20.50 -14.83
N VAL A 249 -1.57 -19.66 -14.93
CA VAL A 249 -1.79 -18.29 -15.37
C VAL A 249 -1.21 -18.06 -16.76
N THR A 250 -2.06 -17.63 -17.70
CA THR A 250 -1.64 -17.42 -19.07
C THR A 250 -1.83 -15.99 -19.54
N TYR A 251 -0.78 -15.47 -20.15
CA TYR A 251 -0.85 -14.20 -20.87
C TYR A 251 -0.59 -14.52 -22.35
N LYS A 252 -1.56 -14.22 -23.21
CA LYS A 252 -1.38 -14.60 -24.60
C LYS A 252 -1.75 -13.49 -25.57
N ASP A 253 -0.88 -13.26 -26.54
CA ASP A 253 -1.13 -12.24 -27.55
C ASP A 253 -1.34 -10.89 -26.86
N ILE A 254 -0.26 -10.50 -26.18
CA ILE A 254 -0.24 -9.25 -25.44
C ILE A 254 0.65 -8.23 -26.13
N THR A 255 0.15 -7.01 -26.26
CA THR A 255 0.94 -5.96 -26.90
C THR A 255 1.38 -4.94 -25.86
N LEU A 256 2.67 -4.74 -25.75
CA LEU A 256 3.22 -3.73 -24.85
C LEU A 256 3.74 -2.54 -25.65
N THR A 257 3.20 -1.36 -25.38
CA THR A 257 3.59 -0.14 -26.07
C THR A 257 4.06 0.94 -25.11
N SER A 258 5.31 1.35 -25.21
CA SER A 258 5.83 2.42 -24.37
C SER A 258 5.67 2.15 -22.89
N ILE A 259 6.10 0.98 -22.43
CA ILE A 259 6.03 0.61 -21.02
C ILE A 259 7.17 1.29 -20.26
N ALA A 260 6.83 2.01 -19.21
CA ALA A 260 7.82 2.85 -18.55
C ALA A 260 8.75 2.14 -17.59
N LYS A 261 8.35 1.12 -16.82
CA LYS A 261 9.26 0.61 -15.79
C LYS A 261 9.67 -0.85 -15.98
N TYR A 262 8.71 -1.74 -16.16
CA TYR A 262 8.92 -3.15 -16.36
C TYR A 262 7.94 -3.74 -17.38
N GLY A 263 8.50 -4.29 -18.46
CA GLY A 263 7.65 -4.96 -19.44
C GLY A 263 7.02 -6.20 -18.82
N ILE A 264 7.84 -6.97 -18.12
CA ILE A 264 7.37 -8.18 -17.44
C ILE A 264 8.00 -8.19 -16.05
N VAL A 265 7.18 -8.35 -15.02
CA VAL A 265 7.73 -8.30 -13.65
C VAL A 265 6.96 -9.28 -12.77
N VAL A 266 7.72 -10.16 -12.14
CA VAL A 266 7.33 -11.17 -11.18
C VAL A 266 8.11 -10.98 -9.89
N GLN A 267 7.44 -10.63 -8.81
CA GLN A 267 8.14 -10.40 -7.55
C GLN A 267 7.51 -11.17 -6.40
N GLN A 268 8.30 -12.09 -5.82
CA GLN A 268 7.84 -12.84 -4.65
C GLN A 268 8.27 -12.14 -3.37
N ASN A 269 8.78 -10.92 -3.54
CA ASN A 269 9.14 -10.08 -2.41
C ASN A 269 8.35 -8.78 -2.48
N TYR A 270 7.16 -8.87 -3.09
CA TYR A 270 6.33 -7.67 -3.14
C TYR A 270 6.04 -7.20 -1.71
N GLY A 271 6.09 -5.89 -1.49
CA GLY A 271 5.83 -5.25 -0.21
C GLY A 271 7.14 -4.81 0.43
N ASP A 272 8.24 -5.41 0.00
CA ASP A 272 9.59 -5.03 0.43
C ASP A 272 10.60 -5.58 -0.56
N THR A 273 10.78 -4.84 -1.67
CA THR A 273 11.65 -5.35 -2.72
C THR A 273 13.11 -5.17 -2.35
N SER A 274 13.38 -4.62 -1.17
CA SER A 274 14.77 -4.59 -0.73
C SER A 274 15.16 -5.90 -0.05
N SER A 275 14.20 -6.82 0.11
CA SER A 275 14.48 -8.10 0.75
C SER A 275 14.42 -9.28 -0.20
N THR A 276 15.16 -10.34 0.18
CA THR A 276 15.10 -11.59 -0.57
C THR A 276 13.66 -12.07 -0.68
N PRO A 277 13.25 -12.52 -1.86
CA PRO A 277 11.90 -13.08 -2.00
C PRO A 277 11.72 -14.34 -1.18
N THR A 278 10.56 -14.51 -0.57
CA THR A 278 10.25 -15.69 0.24
C THR A 278 9.53 -16.75 -0.58
N THR A 279 9.25 -17.92 -0.03
CA THR A 279 8.87 -19.09 -0.82
C THR A 279 7.45 -19.59 -0.56
N GLY A 280 6.66 -18.90 0.24
CA GLY A 280 5.34 -19.34 0.64
C GLY A 280 4.25 -19.24 -0.40
N VAL A 281 4.47 -18.53 -1.50
CA VAL A 281 3.42 -18.37 -2.51
C VAL A 281 3.96 -18.78 -3.88
N PRO A 282 4.10 -20.09 -4.09
CA PRO A 282 4.67 -20.60 -5.32
C PRO A 282 3.83 -20.25 -6.56
N ILE A 283 4.56 -19.96 -7.62
CA ILE A 283 4.01 -19.63 -8.93
C ILE A 283 4.37 -20.74 -9.91
N THR A 284 3.38 -21.57 -10.23
CA THR A 284 3.64 -22.66 -11.17
C THR A 284 2.69 -22.64 -12.35
N ASP A 285 3.16 -23.17 -13.47
CA ASP A 285 2.41 -23.19 -14.72
C ASP A 285 2.07 -21.77 -15.15
N PHE A 286 3.12 -20.98 -15.27
CA PHE A 286 3.01 -19.63 -15.82
C PHE A 286 3.33 -19.70 -17.31
N VAL A 287 2.39 -19.29 -18.15
CA VAL A 287 2.58 -19.32 -19.59
C VAL A 287 2.46 -17.94 -20.23
N LEU A 288 3.53 -17.56 -20.93
CA LEU A 288 3.55 -16.39 -21.79
C LEU A 288 3.58 -16.86 -23.24
N ASP A 289 2.66 -16.35 -24.05
CA ASP A 289 2.58 -16.79 -25.45
C ASP A 289 2.34 -15.60 -26.36
N ASN A 290 3.38 -15.16 -27.08
CA ASN A 290 3.23 -14.01 -27.97
C ASN A 290 2.93 -12.73 -27.19
N VAL A 291 3.88 -12.41 -26.31
CA VAL A 291 3.86 -11.15 -25.59
C VAL A 291 4.95 -10.30 -26.23
N HIS A 292 4.61 -9.13 -26.74
CA HIS A 292 5.61 -8.37 -27.48
C HIS A 292 5.38 -6.88 -27.39
N GLY A 293 6.48 -6.12 -27.52
CA GLY A 293 6.33 -4.68 -27.45
C GLY A 293 7.60 -4.00 -26.97
N SER A 294 7.41 -2.75 -26.58
CA SER A 294 8.50 -1.83 -26.27
C SER A 294 8.49 -1.33 -24.83
N VAL A 295 9.70 -1.23 -24.27
CA VAL A 295 9.97 -0.64 -22.98
C VAL A 295 10.80 0.62 -23.16
N VAL A 296 10.56 1.68 -22.39
CA VAL A 296 11.45 2.82 -22.60
C VAL A 296 12.84 2.50 -22.03
N SER A 297 13.81 3.32 -22.46
CA SER A 297 15.22 3.07 -22.24
C SER A 297 15.59 3.12 -20.75
N SER A 298 14.88 3.92 -19.97
CA SER A 298 15.10 4.01 -18.54
C SER A 298 14.32 2.96 -17.75
N GLY A 299 13.73 2.01 -18.46
CA GLY A 299 12.91 0.93 -17.93
C GLY A 299 13.67 -0.38 -17.92
N THR A 300 13.02 -1.44 -17.46
CA THR A 300 13.62 -2.76 -17.47
C THR A 300 12.69 -3.71 -18.23
N ASN A 301 13.26 -4.50 -19.14
CA ASN A 301 12.47 -5.38 -19.99
C ASN A 301 11.74 -6.42 -19.14
N ILE A 302 12.53 -7.21 -18.43
CA ILE A 302 12.04 -8.32 -17.62
C ILE A 302 12.77 -8.38 -16.29
N LEU A 303 12.01 -8.44 -15.20
CA LEU A 303 12.65 -8.66 -13.90
C LEU A 303 12.00 -9.86 -13.23
N ILE A 304 12.79 -10.87 -12.86
CA ILE A 304 12.13 -11.98 -12.17
C ILE A 304 12.75 -12.20 -10.79
N SER A 305 11.97 -11.92 -9.75
CA SER A 305 12.40 -12.07 -8.37
C SER A 305 11.70 -13.25 -7.70
N CYS A 306 12.23 -14.44 -7.95
CA CYS A 306 11.65 -15.66 -7.39
C CYS A 306 12.48 -16.14 -6.20
N GLY A 307 11.82 -16.83 -5.27
CA GLY A 307 12.54 -17.46 -4.18
C GLY A 307 13.03 -18.84 -4.64
N SER A 308 13.87 -19.46 -3.82
CA SER A 308 14.38 -20.80 -4.11
C SER A 308 13.22 -21.79 -4.19
N GLY A 309 13.05 -22.38 -5.36
CA GLY A 309 12.09 -23.43 -5.62
C GLY A 309 10.65 -23.00 -5.74
N SER A 310 10.36 -21.72 -5.52
CA SER A 310 8.98 -21.26 -5.46
C SER A 310 8.42 -20.81 -6.81
N CYS A 311 9.14 -21.08 -7.89
CA CYS A 311 8.68 -20.77 -9.24
C CYS A 311 9.07 -21.91 -10.16
N SER A 312 8.11 -22.59 -10.77
CA SER A 312 8.48 -23.67 -11.66
C SER A 312 7.36 -23.96 -12.64
N ASP A 313 7.72 -24.63 -13.73
CA ASP A 313 6.79 -25.04 -14.77
C ASP A 313 6.30 -23.83 -15.56
N TRP A 314 7.24 -23.01 -16.02
CA TRP A 314 6.89 -21.84 -16.82
C TRP A 314 7.13 -22.08 -18.30
N THR A 315 6.11 -21.84 -19.11
CA THR A 315 6.27 -21.99 -20.57
C THR A 315 6.22 -20.61 -21.19
N TRP A 316 7.34 -20.14 -21.75
CA TRP A 316 7.48 -18.85 -22.41
C TRP A 316 7.83 -19.03 -23.90
N THR A 317 6.83 -18.75 -24.72
CA THR A 317 6.90 -18.89 -26.16
C THR A 317 6.77 -17.53 -26.86
N ASP A 318 7.63 -17.26 -27.84
CA ASP A 318 7.53 -16.03 -28.61
C ASP A 318 7.46 -14.79 -27.72
N VAL A 319 8.38 -14.68 -26.77
CA VAL A 319 8.37 -13.46 -25.97
C VAL A 319 9.39 -12.48 -26.50
N SER A 320 8.90 -11.32 -26.96
CA SER A 320 9.85 -10.42 -27.60
C SER A 320 9.63 -8.99 -27.09
N VAL A 321 10.33 -8.70 -26.01
CA VAL A 321 10.21 -7.42 -25.34
C VAL A 321 11.55 -6.70 -25.34
N SER A 322 11.57 -5.43 -25.74
CA SER A 322 12.88 -4.80 -25.83
C SER A 322 12.76 -3.29 -25.70
N GLY A 323 13.90 -2.63 -25.61
CA GLY A 323 13.96 -1.18 -25.48
C GLY A 323 14.52 -0.79 -24.12
N GLY A 324 14.26 -1.64 -23.12
CA GLY A 324 14.78 -1.32 -21.81
C GLY A 324 16.10 -2.01 -21.52
N LYS A 325 16.61 -1.80 -20.31
CA LYS A 325 17.81 -2.50 -19.89
C LYS A 325 17.48 -3.95 -19.58
N THR A 326 18.48 -4.81 -19.63
CA THR A 326 18.30 -6.18 -19.18
C THR A 326 18.81 -6.26 -17.75
N SER A 327 17.95 -6.74 -16.85
CA SER A 327 18.28 -6.85 -15.44
C SER A 327 19.36 -7.90 -15.21
N SER A 328 20.28 -7.53 -14.32
CA SER A 328 21.31 -8.41 -13.80
C SER A 328 20.89 -8.94 -12.42
N LYS A 329 19.71 -8.52 -11.98
CA LYS A 329 19.24 -8.85 -10.64
C LYS A 329 18.07 -9.82 -10.63
N CYS A 330 17.90 -10.65 -11.65
CA CYS A 330 16.84 -11.68 -11.52
C CYS A 330 17.34 -12.82 -10.64
N THR A 331 16.44 -13.51 -9.94
CA THR A 331 16.82 -14.64 -9.11
C THR A 331 15.88 -15.84 -9.27
N ASN A 332 16.53 -17.00 -9.36
CA ASN A 332 15.91 -18.32 -9.40
C ASN A 332 14.92 -18.47 -10.54
N VAL A 333 15.32 -17.97 -11.70
CA VAL A 333 14.46 -18.00 -12.87
C VAL A 333 14.21 -19.42 -13.34
N PRO A 334 12.95 -19.83 -13.43
CA PRO A 334 12.61 -21.16 -13.97
C PRO A 334 13.20 -21.39 -15.36
N SER A 335 13.57 -22.63 -15.66
CA SER A 335 14.14 -22.96 -16.96
C SER A 335 13.12 -22.79 -18.09
N GLY A 336 13.58 -22.27 -19.23
CA GLY A 336 12.63 -22.01 -20.31
C GLY A 336 12.20 -20.55 -20.32
N ALA A 337 12.35 -19.87 -19.18
CA ALA A 337 12.15 -18.43 -19.05
C ALA A 337 13.49 -17.73 -18.90
N SER A 338 13.52 -16.41 -19.08
CA SER A 338 14.79 -15.68 -18.95
C SER A 338 14.52 -14.20 -18.72
N CYS A 339 15.56 -13.47 -18.32
CA CYS A 339 15.43 -12.03 -18.23
C CYS A 339 16.06 -11.32 -19.42
N ALA B 1 41.63 -0.58 19.22
CA ALA B 1 42.98 -0.63 18.64
C ALA B 1 43.08 0.22 17.38
N THR B 2 42.84 -0.35 16.20
CA THR B 2 42.97 0.32 14.92
C THR B 2 41.74 1.18 14.58
N THR B 3 42.01 2.38 14.11
CA THR B 3 41.08 3.39 13.63
C THR B 3 41.18 3.52 12.12
N CYS B 4 40.14 3.20 11.36
CA CYS B 4 40.29 3.35 9.92
C CYS B 4 39.46 4.49 9.36
N THR B 5 40.06 5.22 8.42
CA THR B 5 39.34 6.34 7.82
C THR B 5 39.12 6.08 6.34
N PHE B 6 37.86 6.22 5.91
CA PHE B 6 37.54 6.04 4.50
C PHE B 6 36.81 7.29 4.03
N SER B 7 37.03 7.69 2.78
CA SER B 7 36.44 8.92 2.25
C SER B 7 36.28 8.84 0.74
N GLY B 8 35.67 9.87 0.16
CA GLY B 8 35.59 9.96 -1.28
C GLY B 8 34.79 8.88 -1.97
N SER B 9 34.99 8.81 -3.29
CA SER B 9 34.20 7.99 -4.18
C SER B 9 34.54 6.50 -4.09
N ASN B 10 35.64 6.17 -3.43
CA ASN B 10 36.01 4.78 -3.22
C ASN B 10 35.91 4.34 -1.77
N GLY B 11 35.54 5.25 -0.86
CA GLY B 11 35.47 4.92 0.55
C GLY B 11 34.63 3.70 0.86
N ALA B 12 33.47 3.60 0.21
CA ALA B 12 32.51 2.54 0.47
C ALA B 12 33.07 1.16 0.16
N SER B 13 33.84 1.10 -0.93
CA SER B 13 34.51 -0.13 -1.32
C SER B 13 35.57 -0.51 -0.30
N SER B 14 36.37 0.50 0.03
CA SER B 14 37.41 0.36 1.03
C SER B 14 36.82 -0.16 2.35
N ALA B 15 35.80 0.55 2.81
CA ALA B 15 35.15 0.18 4.06
C ALA B 15 34.73 -1.28 4.00
N SER B 16 34.18 -1.69 2.86
CA SER B 16 33.65 -3.05 2.82
C SER B 16 34.74 -4.08 2.88
N LYS B 17 35.90 -3.80 2.29
CA LYS B 17 36.94 -4.84 2.30
C LYS B 17 37.78 -4.80 3.56
N SER B 18 37.83 -3.67 4.25
CA SER B 18 38.66 -3.58 5.43
C SER B 18 37.92 -3.53 6.77
N LYS B 19 36.60 -3.59 6.78
CA LYS B 19 35.83 -3.38 8.01
C LYS B 19 36.15 -4.38 9.10
N THR B 20 36.49 -5.63 8.78
CA THR B 20 36.75 -6.58 9.86
C THR B 20 38.14 -6.41 10.45
N SER B 21 38.83 -5.35 10.06
CA SER B 21 40.19 -5.06 10.48
C SER B 21 40.25 -3.76 11.26
N CYS B 22 39.05 -3.22 11.49
CA CYS B 22 38.95 -1.90 12.10
C CYS B 22 38.07 -1.89 13.35
N SER B 23 38.62 -1.41 14.45
CA SER B 23 37.88 -1.24 15.69
C SER B 23 36.94 -0.05 15.56
N THR B 24 37.49 0.99 14.93
CA THR B 24 36.70 2.17 14.64
C THR B 24 36.74 2.44 13.14
N ILE B 25 35.57 2.68 12.56
CA ILE B 25 35.46 3.01 11.14
C ILE B 25 34.92 4.43 10.98
N VAL B 26 35.76 5.31 10.47
CA VAL B 26 35.41 6.69 10.19
C VAL B 26 35.14 6.85 8.68
N LEU B 27 33.94 7.31 8.37
CA LEU B 27 33.51 7.60 7.01
C LEU B 27 33.40 9.11 6.84
N SER B 28 34.33 9.68 6.08
CA SER B 28 34.34 11.13 5.88
C SER B 28 34.08 11.50 4.42
N ASN B 29 32.96 12.14 4.16
CA ASN B 29 32.57 12.57 2.83
C ASN B 29 32.67 11.42 1.83
N VAL B 30 32.01 10.33 2.17
CA VAL B 30 31.92 9.15 1.31
C VAL B 30 30.79 9.36 0.30
N ALA B 31 31.11 9.02 -0.94
CA ALA B 31 30.12 9.08 -2.02
C ALA B 31 29.95 7.67 -2.55
N VAL B 32 28.87 7.04 -2.09
CA VAL B 32 28.51 5.67 -2.43
C VAL B 32 28.04 5.58 -3.88
N PRO B 33 28.72 4.77 -4.68
CA PRO B 33 28.36 4.67 -6.10
C PRO B 33 26.88 4.30 -6.23
N SER B 34 26.30 4.68 -7.35
CA SER B 34 24.88 4.41 -7.57
C SER B 34 24.62 2.90 -7.58
N GLY B 35 23.45 2.52 -7.07
CA GLY B 35 23.05 1.13 -7.10
C GLY B 35 23.80 0.24 -6.14
N THR B 36 24.65 0.84 -5.29
CA THR B 36 25.37 -0.03 -4.36
C THR B 36 25.05 0.31 -2.90
N THR B 37 25.10 -0.76 -2.12
CA THR B 37 24.91 -0.64 -0.68
C THR B 37 26.19 -0.33 0.06
N LEU B 38 26.10 0.63 0.97
CA LEU B 38 27.14 0.92 1.95
C LEU B 38 27.09 -0.23 2.97
N ASP B 39 27.87 -1.26 2.72
CA ASP B 39 27.74 -2.54 3.38
C ASP B 39 28.62 -2.60 4.62
N LEU B 40 27.96 -2.35 5.75
CA LEU B 40 28.56 -2.41 7.08
C LEU B 40 27.94 -3.58 7.85
N THR B 41 27.69 -4.67 7.12
CA THR B 41 27.13 -5.86 7.76
C THR B 41 28.27 -6.70 8.34
N LYS B 42 27.91 -7.60 9.25
CA LYS B 42 28.86 -8.49 9.91
C LYS B 42 30.03 -7.74 10.53
N LEU B 43 29.81 -6.60 11.19
CA LEU B 43 30.96 -5.99 11.86
C LEU B 43 31.42 -6.84 13.03
N ASN B 44 32.71 -6.70 13.37
CA ASN B 44 33.20 -7.39 14.56
C ASN B 44 32.59 -6.77 15.81
N ASP B 45 32.35 -7.63 16.79
CA ASP B 45 31.89 -7.25 18.11
C ASP B 45 32.55 -5.97 18.62
N GLY B 46 31.74 -4.99 18.98
CA GLY B 46 32.27 -3.80 19.61
C GLY B 46 32.72 -2.71 18.67
N THR B 47 32.51 -2.88 17.36
CA THR B 47 33.02 -1.90 16.40
C THR B 47 32.37 -0.53 16.54
N HIS B 48 33.18 0.53 16.41
CA HIS B 48 32.64 1.88 16.45
C HIS B 48 32.59 2.47 15.04
N VAL B 49 31.42 2.92 14.63
CA VAL B 49 31.24 3.52 13.30
C VAL B 49 30.89 5.00 13.47
N ILE B 50 31.62 5.85 12.74
CA ILE B 50 31.38 7.27 12.79
C ILE B 50 31.17 7.84 11.38
N PHE B 51 29.99 8.42 11.15
CA PHE B 51 29.72 9.20 9.96
C PHE B 51 30.21 10.64 10.12
N SER B 52 31.05 11.10 9.20
CA SER B 52 31.53 12.48 9.26
C SER B 52 31.44 13.16 7.91
N GLY B 53 31.52 14.50 7.88
CA GLY B 53 31.30 15.25 6.67
C GLY B 53 29.97 14.85 6.05
N GLU B 54 29.86 14.93 4.73
CA GLU B 54 28.58 14.58 4.12
C GLU B 54 28.66 13.27 3.35
N THR B 55 27.75 12.37 3.65
CA THR B 55 27.61 11.13 2.92
C THR B 55 26.57 11.30 1.81
N THR B 56 26.90 10.96 0.58
CA THR B 56 25.97 11.07 -0.54
C THR B 56 25.87 9.75 -1.30
N PHE B 57 24.86 9.64 -2.16
CA PHE B 57 24.66 8.42 -2.93
C PHE B 57 24.45 8.72 -4.42
N GLY B 58 25.06 7.91 -5.26
CA GLY B 58 24.90 7.91 -6.69
C GLY B 58 23.46 7.60 -7.06
N TYR B 59 22.91 8.24 -8.10
CA TYR B 59 21.51 8.02 -8.42
C TYR B 59 21.30 6.75 -9.22
N LYS B 60 20.24 6.03 -8.86
CA LYS B 60 19.81 4.88 -9.64
C LYS B 60 18.40 4.46 -9.21
N GLU B 61 17.65 3.90 -10.15
CA GLU B 61 16.36 3.32 -9.77
C GLU B 61 16.54 1.90 -9.25
N TRP B 62 16.57 1.72 -7.93
CA TRP B 62 16.73 0.39 -7.36
C TRP B 62 16.12 0.33 -5.97
N SER B 63 16.06 -0.86 -5.40
CA SER B 63 15.32 -1.00 -4.14
C SER B 63 16.14 -0.77 -2.88
N GLY B 64 17.47 -0.66 -2.97
CA GLY B 64 18.22 -0.44 -1.73
C GLY B 64 18.53 -1.75 -1.04
N PRO B 65 19.03 -1.72 0.18
CA PRO B 65 19.14 -0.48 0.96
C PRO B 65 20.42 0.30 0.66
N LEU B 66 20.35 1.60 0.91
CA LEU B 66 21.47 2.51 0.77
C LEU B 66 22.60 2.17 1.74
N ILE B 67 22.22 1.85 2.96
CA ILE B 67 23.11 1.52 4.07
C ILE B 67 22.62 0.29 4.81
N SER B 68 23.53 -0.63 5.12
CA SER B 68 23.16 -1.82 5.88
C SER B 68 24.17 -2.11 6.99
N VAL B 69 23.70 -2.39 8.19
CA VAL B 69 24.59 -2.71 9.32
C VAL B 69 24.04 -3.92 10.08
N SER B 70 24.92 -4.84 10.48
CA SER B 70 24.60 -5.95 11.35
C SER B 70 25.76 -6.23 12.31
N GLY B 71 25.49 -6.80 13.47
CA GLY B 71 26.55 -7.16 14.41
C GLY B 71 26.10 -6.99 15.85
N SER B 72 27.02 -7.22 16.77
CA SER B 72 26.80 -7.11 18.21
C SER B 72 27.60 -5.96 18.83
N ASP B 73 27.05 -5.37 19.87
CA ASP B 73 27.69 -4.31 20.64
C ASP B 73 28.35 -3.26 19.76
N LEU B 74 27.64 -2.86 18.71
CA LEU B 74 28.11 -1.76 17.88
C LEU B 74 27.72 -0.40 18.43
N THR B 75 28.56 0.60 18.18
CA THR B 75 28.17 1.98 18.42
C THR B 75 28.28 2.75 17.11
N ILE B 76 27.18 3.29 16.64
CA ILE B 76 27.11 4.01 15.37
C ILE B 76 26.65 5.44 15.64
N THR B 77 27.54 6.40 15.41
CA THR B 77 27.24 7.80 15.70
C THR B 77 27.65 8.75 14.59
N GLY B 78 27.22 10.00 14.78
CA GLY B 78 27.55 11.02 13.80
C GLY B 78 28.48 12.07 14.40
N ALA B 79 29.54 12.39 13.67
CA ALA B 79 30.45 13.47 14.03
C ALA B 79 29.72 14.80 13.99
N SER B 80 30.16 15.79 14.76
CA SER B 80 29.52 17.09 14.71
C SER B 80 29.51 17.62 13.28
N GLY B 81 28.36 18.16 12.90
CA GLY B 81 28.11 18.78 11.62
C GLY B 81 27.96 17.83 10.46
N HIS B 82 28.02 16.51 10.69
CA HIS B 82 27.86 15.55 9.60
C HIS B 82 26.42 15.51 9.09
N SER B 83 26.25 15.02 7.87
CA SER B 83 24.91 14.73 7.38
C SER B 83 24.96 13.51 6.45
N ILE B 84 23.85 12.78 6.43
CA ILE B 84 23.64 11.67 5.51
C ILE B 84 22.54 12.14 4.57
N ASN B 85 22.96 12.54 3.36
CA ASN B 85 22.10 13.17 2.37
C ASN B 85 21.59 12.20 1.33
N GLY B 86 20.29 11.86 1.41
CA GLY B 86 19.79 10.98 0.36
C GLY B 86 19.46 11.74 -0.91
N ASP B 87 19.25 13.05 -0.81
CA ASP B 87 18.80 13.85 -1.94
C ASP B 87 17.64 13.14 -2.66
N GLY B 88 16.65 12.73 -1.88
CA GLY B 88 15.56 11.94 -2.44
C GLY B 88 14.78 12.66 -3.51
N SER B 89 14.94 13.99 -3.64
CA SER B 89 14.14 14.64 -4.68
C SER B 89 14.49 14.09 -6.06
N ARG B 90 15.66 13.49 -6.25
CA ARG B 90 15.93 12.82 -7.52
C ARG B 90 14.95 11.68 -7.83
N TRP B 91 14.26 11.13 -6.84
CA TRP B 91 13.37 9.99 -7.02
C TRP B 91 11.88 10.32 -6.85
N TRP B 92 11.58 11.25 -5.97
CA TRP B 92 10.20 11.60 -5.61
C TRP B 92 9.37 11.93 -6.84
N ASP B 93 8.25 11.22 -7.01
CA ASP B 93 7.43 11.43 -8.19
C ASP B 93 5.95 11.32 -7.86
N GLY B 94 5.63 11.42 -6.57
CA GLY B 94 4.27 11.36 -6.07
C GLY B 94 3.77 9.94 -5.93
N GLU B 95 4.60 8.97 -6.31
CA GLU B 95 4.10 7.60 -6.22
C GLU B 95 4.74 6.84 -5.08
N GLY B 96 5.89 7.28 -4.56
CA GLY B 96 6.49 6.55 -3.45
C GLY B 96 6.81 5.10 -3.78
N GLY B 97 6.46 4.18 -2.89
CA GLY B 97 6.70 2.77 -3.07
C GLY B 97 5.74 2.02 -3.96
N ASN B 98 4.68 2.65 -4.46
CA ASN B 98 3.66 1.91 -5.23
C ASN B 98 3.84 2.03 -6.73
N GLY B 99 4.71 2.91 -7.23
CA GLY B 99 4.79 3.04 -8.69
C GLY B 99 5.83 4.06 -9.11
N GLY B 100 5.81 4.44 -10.37
CA GLY B 100 6.82 5.39 -10.85
C GLY B 100 8.19 4.81 -10.62
N LYS B 101 9.16 5.65 -10.31
CA LYS B 101 10.52 5.14 -10.15
C LYS B 101 10.66 4.18 -8.96
N THR B 102 11.51 3.18 -9.19
CA THR B 102 11.97 2.26 -8.15
C THR B 102 12.91 3.02 -7.22
N LYS B 103 12.54 3.13 -5.96
CA LYS B 103 13.23 4.00 -5.02
C LYS B 103 13.82 3.18 -3.88
N PRO B 104 15.08 3.42 -3.57
CA PRO B 104 15.78 2.61 -2.57
C PRO B 104 15.47 3.00 -1.12
N LYS B 105 15.24 1.98 -0.30
CA LYS B 105 15.07 2.13 1.15
C LYS B 105 16.39 2.60 1.74
N PHE B 106 16.37 3.36 2.84
CA PHE B 106 17.60 4.01 3.29
C PHE B 106 18.51 3.16 4.15
N PHE B 107 18.04 2.77 5.34
CA PHE B 107 18.95 2.18 6.32
C PHE B 107 18.41 0.85 6.81
N ALA B 108 19.13 -0.24 6.52
CA ALA B 108 18.68 -1.52 7.04
C ALA B 108 19.38 -1.83 8.36
N ALA B 109 18.63 -1.74 9.45
CA ALA B 109 19.12 -2.10 10.77
C ALA B 109 18.57 -3.48 11.13
N HIS B 110 19.22 -4.51 10.58
CA HIS B 110 18.81 -5.88 10.78
C HIS B 110 19.86 -6.63 11.60
N SER B 111 19.39 -7.63 12.33
CA SER B 111 20.25 -8.49 13.12
C SER B 111 21.27 -7.70 13.92
N LEU B 112 20.76 -6.73 14.67
CA LEU B 112 21.66 -6.00 15.56
C LEU B 112 21.40 -6.49 16.98
N THR B 113 22.45 -6.68 17.77
CA THR B 113 22.31 -7.14 19.14
C THR B 113 23.02 -6.19 20.10
N ASN B 114 22.33 -5.66 21.10
CA ASN B 114 22.98 -4.82 22.11
C ASN B 114 23.80 -3.71 21.48
N SER B 115 23.14 -2.96 20.60
CA SER B 115 23.78 -1.93 19.80
C SER B 115 23.12 -0.57 19.97
N VAL B 116 23.85 0.46 19.58
CA VAL B 116 23.36 1.83 19.69
C VAL B 116 23.69 2.61 18.42
N ILE B 117 22.67 3.32 17.96
CA ILE B 117 22.78 4.24 16.84
C ILE B 117 22.37 5.62 17.33
N SER B 118 23.23 6.63 17.23
CA SER B 118 22.80 7.90 17.82
C SER B 118 23.42 9.12 17.13
N GLY B 119 22.71 10.23 17.22
CA GLY B 119 23.11 11.48 16.63
C GLY B 119 23.11 11.54 15.11
N LEU B 120 22.52 10.60 14.38
CA LEU B 120 22.60 10.73 12.93
C LEU B 120 21.60 11.77 12.42
N LYS B 121 22.04 12.52 11.40
CA LYS B 121 21.17 13.46 10.73
C LYS B 121 20.91 12.90 9.32
N ILE B 122 19.69 12.46 9.06
CA ILE B 122 19.33 11.98 7.74
C ILE B 122 18.48 13.04 7.02
N VAL B 123 18.84 13.35 5.78
CA VAL B 123 18.13 14.36 4.98
C VAL B 123 17.65 13.79 3.65
N ASN B 124 16.40 14.13 3.33
CA ASN B 124 15.75 13.82 2.07
C ASN B 124 15.95 12.38 1.63
N SER B 125 15.29 11.47 2.35
CA SER B 125 15.38 10.07 1.95
C SER B 125 14.47 9.82 0.75
N PRO B 126 14.86 8.94 -0.17
CA PRO B 126 14.00 8.58 -1.30
C PRO B 126 12.65 8.03 -0.84
N VAL B 127 12.67 7.19 0.19
CA VAL B 127 11.40 6.65 0.67
C VAL B 127 11.54 6.23 2.12
N GLN B 128 11.28 5.00 2.55
CA GLN B 128 11.42 4.71 3.98
C GLN B 128 12.89 4.84 4.42
N VAL B 129 13.04 5.24 5.68
CA VAL B 129 14.38 5.44 6.24
C VAL B 129 14.86 4.21 7.00
N PHE B 130 14.44 4.05 8.25
CA PHE B 130 14.90 2.95 9.08
C PHE B 130 14.02 1.72 8.96
N SER B 131 14.65 0.62 8.53
CA SER B 131 14.01 -0.69 8.62
C SER B 131 14.67 -1.52 9.73
N VAL B 132 13.93 -1.74 10.80
CA VAL B 132 14.48 -2.42 11.96
C VAL B 132 13.91 -3.84 12.04
N ALA B 133 14.79 -4.82 11.98
CA ALA B 133 14.30 -6.20 12.00
C ALA B 133 15.30 -7.17 12.61
N GLY B 134 14.79 -8.26 13.16
CA GLY B 134 15.62 -9.32 13.69
C GLY B 134 16.65 -8.79 14.68
N SER B 135 16.32 -7.70 15.38
CA SER B 135 17.26 -7.16 16.34
C SER B 135 16.79 -7.31 17.79
N ASP B 136 17.74 -7.09 18.69
CA ASP B 136 17.44 -7.32 20.11
C ASP B 136 18.35 -6.42 20.94
N TYR B 137 17.74 -5.60 21.78
CA TYR B 137 18.46 -4.59 22.55
C TYR B 137 19.11 -3.57 21.62
N LEU B 138 18.24 -2.85 20.92
CA LEU B 138 18.69 -1.82 20.00
C LEU B 138 18.14 -0.47 20.45
N THR B 139 19.05 0.48 20.59
CA THR B 139 18.73 1.85 20.96
C THR B 139 19.03 2.78 19.79
N LEU B 140 18.05 3.61 19.49
CA LEU B 140 18.08 4.63 18.45
C LEU B 140 17.81 5.97 19.14
N LYS B 141 18.86 6.75 19.28
CA LYS B 141 18.89 7.91 20.16
C LYS B 141 19.29 9.20 19.47
N ASP B 142 18.56 10.28 19.72
CA ASP B 142 18.90 11.57 19.12
C ASP B 142 19.00 11.54 17.61
N ILE B 143 18.07 10.84 16.94
CA ILE B 143 18.11 10.80 15.48
C ILE B 143 17.33 11.95 14.88
N THR B 144 17.88 12.59 13.84
CA THR B 144 17.07 13.62 13.19
C THR B 144 16.79 13.22 11.75
N ILE B 145 15.53 13.26 11.34
CA ILE B 145 15.21 12.92 9.96
C ILE B 145 14.41 14.08 9.34
N ASP B 146 15.04 14.75 8.40
CA ASP B 146 14.44 15.91 7.76
C ASP B 146 14.11 15.64 6.30
N ASN B 147 12.87 15.28 6.02
CA ASN B 147 12.32 15.14 4.69
C ASN B 147 11.32 16.27 4.41
N SER B 148 11.46 17.43 5.07
CA SER B 148 10.44 18.45 4.85
C SER B 148 10.44 18.89 3.39
N ASP B 149 11.57 18.77 2.68
CA ASP B 149 11.61 19.16 1.27
C ASP B 149 10.62 18.37 0.43
N GLY B 150 10.22 17.19 0.92
CA GLY B 150 9.37 16.32 0.13
C GLY B 150 7.90 16.68 0.26
N ASP B 151 7.60 17.62 1.17
CA ASP B 151 6.21 18.03 1.39
C ASP B 151 5.57 18.58 0.12
N ASP B 152 6.29 19.48 -0.56
CA ASP B 152 5.78 20.04 -1.81
C ASP B 152 6.35 19.34 -3.03
N ASN B 153 7.40 18.55 -2.83
CA ASN B 153 8.13 17.97 -3.96
C ASN B 153 7.74 16.52 -4.25
N GLY B 154 6.59 16.06 -3.76
CA GLY B 154 6.12 14.73 -4.06
C GLY B 154 6.71 13.64 -3.21
N GLY B 155 7.19 13.96 -2.01
CA GLY B 155 7.66 12.87 -1.15
C GLY B 155 6.48 12.00 -0.72
N HIS B 156 6.71 10.69 -0.66
CA HIS B 156 5.65 9.75 -0.30
C HIS B 156 6.26 8.48 0.30
N ASN B 157 5.57 7.85 1.24
CA ASN B 157 5.98 6.65 1.95
C ASN B 157 7.36 6.80 2.60
N THR B 158 7.60 7.94 3.24
CA THR B 158 8.87 8.22 3.88
C THR B 158 8.84 7.93 5.38
N ASP B 159 8.28 6.78 5.76
CA ASP B 159 8.23 6.34 7.16
C ASP B 159 9.60 6.52 7.81
N ALA B 160 9.64 7.08 9.03
CA ALA B 160 10.95 7.23 9.65
C ALA B 160 11.43 5.94 10.30
N PHE B 161 10.58 5.24 11.05
CA PHE B 161 10.99 4.00 11.69
C PHE B 161 10.00 2.86 11.48
N ASP B 162 10.37 1.89 10.66
CA ASP B 162 9.55 0.69 10.48
C ASP B 162 10.14 -0.46 11.29
N ILE B 163 9.35 -0.99 12.21
CA ILE B 163 9.91 -2.00 13.11
C ILE B 163 9.20 -3.35 13.04
N GLY B 164 10.02 -4.40 12.83
CA GLY B 164 9.44 -5.73 12.90
C GLY B 164 10.37 -6.68 13.63
N THR B 165 9.78 -7.79 14.04
CA THR B 165 10.43 -8.97 14.56
C THR B 165 11.63 -8.64 15.45
N SER B 166 11.48 -7.60 16.26
CA SER B 166 12.53 -7.20 17.20
C SER B 166 12.04 -7.13 18.63
N THR B 167 12.99 -7.21 19.58
CA THR B 167 12.70 -7.08 20.99
C THR B 167 13.65 -6.08 21.65
N TYR B 168 13.09 -5.36 22.61
CA TYR B 168 13.83 -4.38 23.38
C TYR B 168 14.43 -3.32 22.48
N VAL B 169 13.58 -2.63 21.73
CA VAL B 169 14.15 -1.51 20.95
C VAL B 169 13.59 -0.22 21.54
N THR B 170 14.53 0.67 21.80
CA THR B 170 14.32 1.96 22.42
C THR B 170 14.59 3.09 21.44
N ILE B 171 13.61 3.95 21.23
CA ILE B 171 13.80 5.14 20.39
C ILE B 171 13.58 6.38 21.26
N SER B 172 14.57 7.27 21.31
CA SER B 172 14.43 8.45 22.16
C SER B 172 14.96 9.71 21.50
N GLY B 173 14.38 10.86 21.83
CA GLY B 173 14.88 12.09 21.23
C GLY B 173 14.79 12.14 19.72
N ALA B 174 13.85 11.42 19.11
CA ALA B 174 13.74 11.46 17.66
C ALA B 174 13.12 12.76 17.16
N THR B 175 13.70 13.36 16.13
CA THR B 175 13.02 14.52 15.53
C THR B 175 12.72 14.23 14.07
N VAL B 176 11.47 14.21 13.65
CA VAL B 176 11.12 13.74 12.31
C VAL B 176 10.20 14.67 11.53
N TYR B 177 10.61 15.03 10.32
CA TYR B 177 9.79 15.72 9.33
C TYR B 177 9.60 14.79 8.15
N ASN B 178 8.44 14.18 8.00
CA ASN B 178 8.28 13.25 6.88
C ASN B 178 6.85 13.28 6.36
N GLN B 179 6.48 12.33 5.51
CA GLN B 179 5.16 12.32 4.89
C GLN B 179 4.44 10.99 5.12
N ASP B 180 4.89 10.18 6.07
CA ASP B 180 4.18 8.92 6.34
C ASP B 180 4.31 8.60 7.83
N ASP B 181 4.10 7.37 8.25
CA ASP B 181 4.19 7.02 9.67
C ASP B 181 5.48 7.50 10.31
N CYS B 182 5.37 8.09 11.50
CA CYS B 182 6.57 8.47 12.25
C CYS B 182 7.27 7.23 12.79
N VAL B 183 6.47 6.30 13.27
CA VAL B 183 6.81 4.96 13.70
C VAL B 183 5.73 4.01 13.19
N ALA B 184 6.12 2.82 12.74
CA ALA B 184 5.16 1.78 12.39
C ALA B 184 5.66 0.49 13.02
N VAL B 185 4.88 -0.06 13.93
CA VAL B 185 5.28 -1.33 14.53
C VAL B 185 4.46 -2.46 13.93
N ASN B 186 5.02 -3.24 13.01
CA ASN B 186 4.35 -4.40 12.44
C ASN B 186 4.35 -5.60 13.37
N SER B 187 5.43 -5.77 14.14
CA SER B 187 5.50 -6.83 15.13
C SER B 187 6.63 -6.52 16.09
N GLY B 188 6.68 -7.16 17.24
CA GLY B 188 7.79 -6.88 18.16
C GLY B 188 7.32 -6.80 19.59
N GLU B 189 8.27 -6.88 20.52
CA GLU B 189 7.91 -6.85 21.94
C GLU B 189 8.86 -5.96 22.71
N ASN B 190 8.34 -5.25 23.70
CA ASN B 190 9.19 -4.41 24.56
C ASN B 190 9.82 -3.30 23.73
N ILE B 191 8.98 -2.40 23.22
CA ILE B 191 9.32 -1.25 22.40
C ILE B 191 8.95 0.05 23.10
N TYR B 192 9.96 0.91 23.23
CA TYR B 192 9.82 2.15 23.99
C TYR B 192 10.21 3.34 23.12
N PHE B 193 9.32 4.32 22.98
CA PHE B 193 9.53 5.53 22.19
C PHE B 193 9.35 6.75 23.08
N SER B 194 10.39 7.56 23.32
CA SER B 194 10.11 8.73 24.15
C SER B 194 10.78 10.00 23.61
N GLY B 195 10.25 11.12 24.07
CA GLY B 195 10.76 12.44 23.73
C GLY B 195 10.76 12.70 22.24
N GLY B 196 9.75 12.24 21.51
CA GLY B 196 9.71 12.37 20.09
C GLY B 196 8.93 13.57 19.58
N TYR B 197 9.32 14.01 18.39
CA TYR B 197 8.66 15.08 17.66
C TYR B 197 8.44 14.64 16.21
N CYS B 198 7.18 14.35 15.90
CA CYS B 198 6.70 13.84 14.64
C CYS B 198 5.85 14.88 13.90
N SER B 199 6.38 15.37 12.78
CA SER B 199 5.71 16.45 12.08
C SER B 199 5.42 16.02 10.65
N GLY B 200 4.28 16.42 10.12
CA GLY B 200 3.88 16.22 8.75
C GLY B 200 3.50 14.83 8.33
N GLY B 201 3.78 13.79 9.12
CA GLY B 201 3.49 12.43 8.70
C GLY B 201 2.12 11.90 9.06
N HIS B 202 2.05 10.59 9.25
CA HIS B 202 0.79 9.87 9.46
C HIS B 202 0.63 9.35 10.88
N GLY B 203 1.48 9.77 11.82
CA GLY B 203 1.28 9.49 13.23
C GLY B 203 2.20 8.45 13.83
N LEU B 204 1.93 8.13 15.09
CA LEU B 204 2.63 7.07 15.82
C LEU B 204 1.71 5.85 15.83
N SER B 205 2.07 4.91 14.97
CA SER B 205 1.23 3.80 14.59
C SER B 205 1.72 2.43 15.04
N ILE B 206 0.74 1.72 15.55
CA ILE B 206 0.85 0.30 15.77
C ILE B 206 0.28 -0.35 14.53
N GLY B 207 1.08 -1.14 13.82
CA GLY B 207 0.45 -1.70 12.64
C GLY B 207 1.10 -1.29 11.34
N SER B 208 0.66 -1.84 10.21
CA SER B 208 -0.37 -2.86 10.13
C SER B 208 0.12 -4.23 10.62
N VAL B 209 -0.77 -4.86 11.36
CA VAL B 209 -0.52 -6.14 12.00
C VAL B 209 -1.42 -7.19 11.38
N GLY B 210 -0.88 -8.38 11.12
CA GLY B 210 -1.69 -9.47 10.63
C GLY B 210 -1.27 -9.92 9.25
N GLY B 211 -1.25 -11.24 9.00
CA GLY B 211 -0.99 -11.65 7.63
C GLY B 211 0.44 -12.04 7.35
N ARG B 212 1.35 -11.93 8.32
CA ARG B 212 2.71 -12.38 8.07
C ARG B 212 3.10 -13.53 8.98
N SER B 213 4.40 -13.82 9.06
CA SER B 213 4.84 -14.92 9.92
C SER B 213 4.73 -14.56 11.40
N ASP B 214 4.96 -13.28 11.70
CA ASP B 214 4.87 -12.75 13.06
C ASP B 214 3.84 -11.64 13.06
N ASN B 215 2.78 -11.85 13.84
CA ASN B 215 1.66 -10.90 13.88
C ASN B 215 1.35 -10.53 15.33
N THR B 216 2.39 -10.60 16.17
CA THR B 216 2.31 -10.35 17.60
C THR B 216 2.92 -9.01 17.97
N VAL B 217 2.12 -8.12 18.56
CA VAL B 217 2.67 -6.89 19.10
C VAL B 217 2.40 -6.84 20.61
N LYS B 218 3.44 -6.68 21.42
CA LYS B 218 3.24 -6.71 22.86
C LYS B 218 4.20 -5.78 23.59
N ASN B 219 3.63 -5.07 24.55
CA ASN B 219 4.33 -4.14 25.42
C ASN B 219 5.02 -3.02 24.64
N VAL B 220 4.22 -2.12 24.05
CA VAL B 220 4.84 -0.98 23.35
C VAL B 220 4.28 0.30 23.98
N THR B 221 5.20 1.21 24.27
CA THR B 221 4.88 2.44 24.95
C THR B 221 5.36 3.65 24.18
N PHE B 222 4.44 4.59 23.87
CA PHE B 222 4.82 5.90 23.36
C PHE B 222 4.55 6.92 24.46
N VAL B 223 5.55 7.75 24.74
CA VAL B 223 5.44 8.68 25.87
C VAL B 223 6.17 9.99 25.61
N ASP B 224 5.68 11.07 26.22
CA ASP B 224 6.34 12.37 26.23
C ASP B 224 6.78 12.81 24.84
N SER B 225 5.83 12.79 23.91
CA SER B 225 6.07 13.16 22.54
C SER B 225 4.93 14.05 22.01
N THR B 226 5.23 14.69 20.89
CA THR B 226 4.39 15.58 20.14
C THR B 226 4.18 15.12 18.71
N ILE B 227 2.92 15.09 18.29
CA ILE B 227 2.57 14.80 16.90
C ILE B 227 1.90 16.06 16.37
N ILE B 228 2.44 16.60 15.29
CA ILE B 228 1.99 17.90 14.79
C ILE B 228 1.84 17.90 13.29
N ASN B 229 0.78 18.55 12.80
CA ASN B 229 0.58 18.70 11.38
C ASN B 229 0.68 17.37 10.62
N SER B 230 0.00 16.36 11.14
CA SER B 230 -0.02 15.00 10.64
C SER B 230 -1.43 14.53 10.34
N ASP B 231 -1.58 13.49 9.51
CA ASP B 231 -2.92 13.04 9.17
C ASP B 231 -3.65 12.44 10.37
N ASN B 232 -2.90 11.69 11.16
CA ASN B 232 -3.29 10.92 12.31
C ASN B 232 -2.43 11.22 13.54
N GLY B 233 -2.95 11.00 14.73
CA GLY B 233 -2.09 11.15 15.93
C GLY B 233 -1.74 9.75 16.42
N VAL B 234 -2.59 9.26 17.30
CA VAL B 234 -2.56 7.89 17.78
C VAL B 234 -3.23 6.96 16.78
N ARG B 235 -2.51 5.94 16.32
CA ARG B 235 -3.12 5.05 15.34
C ARG B 235 -2.76 3.59 15.58
N ILE B 236 -3.80 2.75 15.56
CA ILE B 236 -3.61 1.31 15.53
C ILE B 236 -4.29 0.77 14.27
N LYS B 237 -3.55 0.04 13.45
CA LYS B 237 -4.13 -0.59 12.27
C LYS B 237 -3.84 -2.09 12.24
N THR B 238 -4.90 -2.89 12.16
CA THR B 238 -4.74 -4.33 11.98
C THR B 238 -5.38 -4.73 10.65
N ASN B 239 -4.71 -5.62 9.91
CA ASN B 239 -5.22 -5.98 8.59
C ASN B 239 -6.53 -6.76 8.64
N ILE B 240 -7.52 -6.28 7.90
CA ILE B 240 -8.79 -6.99 7.79
C ILE B 240 -8.58 -8.46 7.43
N ASP B 241 -9.37 -9.35 8.02
CA ASP B 241 -9.36 -10.75 7.67
C ASP B 241 -8.07 -11.49 8.00
N THR B 242 -7.21 -10.95 8.84
CA THR B 242 -5.98 -11.66 9.19
C THR B 242 -5.98 -12.05 10.67
N THR B 243 -4.92 -12.72 11.15
CA THR B 243 -4.91 -13.02 12.58
C THR B 243 -3.63 -12.45 13.19
N GLY B 244 -3.70 -12.20 14.48
CA GLY B 244 -2.58 -11.61 15.20
C GLY B 244 -3.05 -11.21 16.59
N SER B 245 -2.26 -10.37 17.23
CA SER B 245 -2.49 -9.93 18.59
C SER B 245 -1.74 -8.62 18.87
N VAL B 246 -2.45 -7.72 19.52
CA VAL B 246 -1.95 -6.43 19.96
C VAL B 246 -2.32 -6.25 21.43
N SER B 247 -1.33 -6.23 22.32
CA SER B 247 -1.70 -6.14 23.74
C SER B 247 -0.63 -5.36 24.50
N ASP B 248 -1.08 -4.69 25.56
CA ASP B 248 -0.22 -3.88 26.41
C ASP B 248 0.41 -2.73 25.62
N VAL B 249 -0.45 -1.94 24.96
CA VAL B 249 0.06 -0.77 24.25
C VAL B 249 -0.32 0.49 25.01
N THR B 250 0.64 1.40 25.20
CA THR B 250 0.42 2.59 26.00
C THR B 250 0.85 3.84 25.25
N TYR B 251 -0.02 4.85 25.20
CA TYR B 251 0.40 6.18 24.75
C TYR B 251 0.20 7.14 25.93
N LYS B 252 1.28 7.79 26.37
CA LYS B 252 1.13 8.56 27.61
C LYS B 252 1.80 9.91 27.47
N ASP B 253 1.13 10.93 27.98
CA ASP B 253 1.61 12.30 27.83
C ASP B 253 1.99 12.59 26.38
N ILE B 254 1.00 12.46 25.51
CA ILE B 254 1.17 12.81 24.09
C ILE B 254 0.44 14.12 23.76
N THR B 255 1.16 15.02 23.11
CA THR B 255 0.57 16.26 22.65
C THR B 255 0.24 16.18 21.16
N LEU B 256 -1.02 16.43 20.80
CA LEU B 256 -1.44 16.44 19.40
C LEU B 256 -1.69 17.87 18.92
N THR B 257 -1.09 18.29 17.83
CA THR B 257 -1.24 19.68 17.41
C THR B 257 -1.66 19.79 15.95
N SER B 258 -2.88 20.30 15.74
CA SER B 258 -3.33 20.52 14.37
C SER B 258 -3.27 19.23 13.56
N ILE B 259 -3.87 18.17 14.10
CA ILE B 259 -4.02 16.90 13.39
C ILE B 259 -5.04 17.02 12.28
N ALA B 260 -4.80 16.51 11.07
CA ALA B 260 -5.76 16.81 10.01
C ALA B 260 -6.86 15.79 9.82
N LYS B 261 -6.70 14.48 10.01
CA LYS B 261 -7.81 13.59 9.69
C LYS B 261 -8.33 12.87 10.92
N TYR B 262 -7.46 12.22 11.70
CA TYR B 262 -7.95 11.57 12.92
C TYR B 262 -7.04 11.81 14.10
N GLY B 263 -7.53 12.38 15.20
CA GLY B 263 -6.68 12.48 16.38
C GLY B 263 -6.25 11.11 16.90
N ILE B 264 -7.23 10.23 17.02
CA ILE B 264 -7.09 8.85 17.45
C ILE B 264 -7.86 7.91 16.52
N VAL B 265 -7.18 6.94 15.92
CA VAL B 265 -7.94 6.01 15.08
C VAL B 265 -7.44 4.57 15.29
N VAL B 266 -8.39 3.70 15.53
CA VAL B 266 -8.18 2.26 15.67
C VAL B 266 -9.06 1.59 14.60
N GLN B 267 -8.46 0.84 13.69
CA GLN B 267 -9.19 0.19 12.62
C GLN B 267 -8.85 -1.28 12.51
N GLN B 268 -9.84 -2.14 12.73
CA GLN B 268 -9.62 -3.57 12.50
C GLN B 268 -10.12 -3.94 11.10
N ASN B 269 -10.38 -2.93 10.28
CA ASN B 269 -10.77 -3.18 8.88
C ASN B 269 -9.78 -2.50 7.96
N TYR B 270 -8.55 -2.39 8.47
CA TYR B 270 -7.51 -1.76 7.67
C TYR B 270 -7.26 -2.58 6.42
N GLY B 271 -7.18 -1.87 5.29
CA GLY B 271 -7.03 -2.57 4.02
C GLY B 271 -8.28 -2.43 3.17
N ASP B 272 -9.43 -2.38 3.84
CA ASP B 272 -10.68 -2.11 3.16
C ASP B 272 -11.69 -1.51 4.12
N THR B 273 -11.60 -0.19 4.33
CA THR B 273 -12.48 0.44 5.29
C THR B 273 -13.91 0.56 4.77
N SER B 274 -14.16 0.09 3.55
CA SER B 274 -15.56 0.10 3.10
C SER B 274 -16.25 -1.14 3.65
N SER B 275 -15.45 -2.01 4.27
CA SER B 275 -16.00 -3.27 4.79
C SER B 275 -15.95 -3.28 6.30
N THR B 276 -16.69 -4.23 6.87
CA THR B 276 -16.82 -4.40 8.31
C THR B 276 -15.55 -4.96 8.94
N PRO B 277 -15.17 -4.40 10.09
CA PRO B 277 -13.98 -4.86 10.80
C PRO B 277 -14.11 -6.32 11.24
N THR B 278 -13.00 -7.06 11.20
CA THR B 278 -13.02 -8.47 11.57
C THR B 278 -12.41 -8.67 12.95
N THR B 279 -12.58 -9.86 13.51
CA THR B 279 -12.26 -10.05 14.91
C THR B 279 -11.00 -10.85 15.14
N GLY B 280 -10.14 -11.02 14.15
CA GLY B 280 -9.00 -11.92 14.30
C GLY B 280 -7.77 -11.31 14.93
N VAL B 281 -7.69 -9.99 15.06
CA VAL B 281 -6.52 -9.41 15.70
C VAL B 281 -6.89 -8.59 16.93
N PRO B 282 -7.19 -9.29 18.01
CA PRO B 282 -7.64 -8.68 19.26
C PRO B 282 -6.70 -7.59 19.78
N ILE B 283 -7.34 -6.51 20.25
CA ILE B 283 -6.59 -5.38 20.81
C ILE B 283 -7.07 -5.18 22.24
N THR B 284 -6.19 -5.55 23.16
CA THR B 284 -6.52 -5.57 24.58
C THR B 284 -5.48 -4.84 25.40
N ASP B 285 -5.92 -4.32 26.54
CA ASP B 285 -4.93 -3.65 27.39
C ASP B 285 -4.31 -2.47 26.65
N PHE B 286 -5.20 -1.78 25.96
CA PHE B 286 -4.86 -0.52 25.32
C PHE B 286 -5.07 0.60 26.32
N VAL B 287 -4.02 1.35 26.60
CA VAL B 287 -4.08 2.42 27.57
C VAL B 287 -3.67 3.78 27.00
N LEU B 288 -4.59 4.73 27.05
CA LEU B 288 -4.31 6.14 26.81
C LEU B 288 -4.23 6.89 28.13
N ASP B 289 -3.12 7.59 28.40
CA ASP B 289 -3.02 8.39 29.61
C ASP B 289 -2.45 9.78 29.32
N ASN B 290 -3.35 10.75 29.37
CA ASN B 290 -3.09 12.16 29.14
C ASN B 290 -2.58 12.38 27.71
N VAL B 291 -3.47 12.09 26.80
CA VAL B 291 -3.38 12.35 25.37
C VAL B 291 -4.27 13.55 25.08
N HIS B 292 -3.69 14.63 24.57
CA HIS B 292 -4.44 15.86 24.46
C HIS B 292 -4.03 16.70 23.26
N GLY B 293 -5.01 17.39 22.69
CA GLY B 293 -4.62 18.32 21.64
C GLY B 293 -5.76 18.64 20.68
N SER B 294 -5.34 19.23 19.58
CA SER B 294 -6.27 19.76 18.59
C SER B 294 -6.29 18.97 17.30
N VAL B 295 -7.51 18.76 16.84
CA VAL B 295 -7.81 18.28 15.51
C VAL B 295 -8.39 19.45 14.71
N VAL B 296 -8.16 19.48 13.40
CA VAL B 296 -8.69 20.61 12.64
C VAL B 296 -10.19 20.39 12.47
N SER B 297 -10.88 21.50 12.22
CA SER B 297 -12.33 21.47 12.15
C SER B 297 -12.82 20.49 11.10
N SER B 298 -12.04 20.28 10.04
CA SER B 298 -12.45 19.35 8.99
C SER B 298 -12.20 17.90 9.36
N GLY B 299 -11.38 17.67 10.38
CA GLY B 299 -11.09 16.30 10.77
C GLY B 299 -12.08 15.73 11.77
N THR B 300 -11.75 14.52 12.21
CA THR B 300 -12.51 13.72 13.15
C THR B 300 -11.66 13.43 14.39
N ASN B 301 -12.26 13.65 15.56
CA ASN B 301 -11.50 13.55 16.79
C ASN B 301 -11.01 12.13 17.04
N ILE B 302 -11.96 11.21 17.12
CA ILE B 302 -11.65 9.80 17.39
C ILE B 302 -12.43 8.85 16.49
N LEU B 303 -11.76 7.87 15.89
CA LEU B 303 -12.54 6.88 15.16
C LEU B 303 -12.15 5.50 15.67
N ILE B 304 -13.14 4.76 16.14
CA ILE B 304 -12.91 3.39 16.60
C ILE B 304 -13.73 2.41 15.78
N SER B 305 -13.03 1.62 14.97
CA SER B 305 -13.63 0.60 14.13
C SER B 305 -13.24 -0.81 14.59
N CYS B 306 -13.82 -1.23 15.70
CA CYS B 306 -13.52 -2.54 16.26
C CYS B 306 -14.54 -3.59 15.81
N GLY B 307 -14.04 -4.81 15.74
CA GLY B 307 -14.88 -5.97 15.47
C GLY B 307 -15.64 -6.33 16.73
N SER B 308 -16.49 -7.36 16.65
CA SER B 308 -17.33 -7.66 17.79
C SER B 308 -16.57 -8.42 18.87
N GLY B 309 -16.29 -7.76 19.99
CA GLY B 309 -15.51 -8.32 21.06
C GLY B 309 -14.02 -8.41 20.81
N SER B 310 -13.51 -7.91 19.70
CA SER B 310 -12.07 -8.02 19.40
C SER B 310 -11.31 -6.81 19.96
N CYS B 311 -12.02 -5.95 20.67
CA CYS B 311 -11.40 -4.87 21.41
C CYS B 311 -11.89 -4.86 22.84
N SER B 312 -11.02 -5.09 23.83
CA SER B 312 -11.53 -4.97 25.20
C SER B 312 -10.41 -4.60 26.16
N ASP B 313 -10.77 -4.32 27.40
CA ASP B 313 -9.78 -4.06 28.46
C ASP B 313 -8.93 -2.85 28.08
N TRP B 314 -9.61 -1.75 27.80
CA TRP B 314 -8.97 -0.47 27.51
C TRP B 314 -9.14 0.51 28.68
N THR B 315 -8.08 1.23 29.02
CA THR B 315 -8.15 2.27 30.03
C THR B 315 -7.80 3.62 29.42
N TRP B 316 -8.75 4.54 29.42
CA TRP B 316 -8.51 5.87 28.87
C TRP B 316 -8.65 6.93 29.96
N THR B 317 -7.56 7.58 30.32
CA THR B 317 -7.60 8.63 31.33
C THR B 317 -7.09 9.95 30.76
N ASP B 318 -7.83 11.01 31.09
CA ASP B 318 -7.39 12.35 30.72
C ASP B 318 -7.15 12.42 29.22
N VAL B 319 -8.03 11.77 28.47
CA VAL B 319 -7.95 11.92 27.02
C VAL B 319 -8.74 13.15 26.62
N SER B 320 -8.04 14.14 26.07
CA SER B 320 -8.73 15.39 25.75
C SER B 320 -8.36 15.88 24.37
N VAL B 321 -9.01 15.27 23.38
CA VAL B 321 -8.76 15.62 21.99
C VAL B 321 -9.96 16.38 21.45
N SER B 322 -9.74 17.55 20.88
CA SER B 322 -10.94 18.28 20.45
C SER B 322 -10.63 19.18 19.27
N GLY B 323 -11.71 19.75 18.72
CA GLY B 323 -11.63 20.66 17.61
C GLY B 323 -12.22 20.11 16.35
N GLY B 324 -12.28 18.78 16.25
CA GLY B 324 -12.80 18.20 15.01
C GLY B 324 -14.22 17.70 15.23
N LYS B 325 -14.72 16.96 14.26
CA LYS B 325 -16.04 16.36 14.34
C LYS B 325 -16.03 15.16 15.28
N THR B 326 -17.18 14.85 15.85
CA THR B 326 -17.37 13.63 16.62
C THR B 326 -17.91 12.55 15.70
N SER B 327 -17.27 11.38 15.62
CA SER B 327 -17.81 10.38 14.70
C SER B 327 -19.06 9.71 15.29
N SER B 328 -20.00 9.48 14.37
CA SER B 328 -21.22 8.76 14.68
C SER B 328 -21.12 7.31 14.19
N LYS B 329 -19.95 6.98 13.64
CA LYS B 329 -19.79 5.66 13.04
C LYS B 329 -18.77 4.76 13.74
N CYS B 330 -18.49 4.93 15.03
CA CYS B 330 -17.61 3.98 15.70
C CYS B 330 -18.35 2.70 16.03
N THR B 331 -17.64 1.56 16.00
CA THR B 331 -18.32 0.31 16.29
C THR B 331 -17.59 -0.45 17.40
N ASN B 332 -18.39 -1.09 18.25
CA ASN B 332 -17.87 -2.03 19.24
C ASN B 332 -16.85 -1.35 20.14
N VAL B 333 -17.15 -0.11 20.50
CA VAL B 333 -16.27 0.60 21.42
C VAL B 333 -16.35 -0.03 22.81
N PRO B 334 -15.20 -0.49 23.29
CA PRO B 334 -15.11 -1.01 24.64
C PRO B 334 -15.41 0.04 25.70
N SER B 335 -15.86 -0.47 26.85
CA SER B 335 -16.14 0.39 28.00
C SER B 335 -14.86 1.04 28.49
N GLY B 336 -14.96 2.28 28.96
CA GLY B 336 -13.77 2.97 29.43
C GLY B 336 -13.17 3.83 28.33
N ALA B 337 -13.65 3.61 27.11
CA ALA B 337 -13.28 4.42 25.96
C ALA B 337 -14.54 5.01 25.33
N SER B 338 -14.31 6.01 24.47
CA SER B 338 -15.39 6.72 23.79
C SER B 338 -14.91 7.41 22.52
N CYS B 339 -15.82 7.61 21.58
CA CYS B 339 -15.55 8.44 20.42
C CYS B 339 -15.98 9.88 20.64
C1 NAG C . -10.32 -22.16 -16.75
C2 NAG C . -11.17 -23.42 -16.94
C3 NAG C . -12.07 -23.32 -18.16
C4 NAG C . -12.80 -22.00 -18.15
C5 NAG C . -11.79 -20.88 -18.07
C6 NAG C . -12.45 -19.51 -18.15
C7 NAG C . -9.94 -25.36 -16.21
C8 NAG C . -8.97 -26.45 -16.61
N2 NAG C . -10.28 -24.54 -17.20
O3 NAG C . -12.98 -24.40 -18.15
O4 NAG C . -13.57 -21.86 -19.34
O5 NAG C . -11.15 -21.00 -16.79
O6 NAG C . -13.32 -19.32 -17.04
O7 NAG C . -10.45 -25.27 -15.10
C1 NAG C . -14.88 -21.46 -19.23
C2 NAG C . -15.43 -21.10 -20.63
C3 NAG C . -16.93 -20.83 -20.59
C4 NAG C . -17.65 -21.90 -19.82
C5 NAG C . -17.01 -22.17 -18.50
C6 NAG C . -17.68 -23.28 -17.71
C7 NAG C . -13.82 -20.08 -22.13
C8 NAG C . -13.05 -18.79 -22.41
N2 NAG C . -14.74 -19.96 -21.18
O3 NAG C . -17.44 -20.83 -21.92
O4 NAG C . -19.02 -21.51 -19.65
O5 NAG C . -15.64 -22.55 -18.71
O6 NAG C . -17.31 -24.55 -18.20
O7 NAG C . -13.88 -20.97 -23.00
C1 MAN C . -20.24 -22.61 -19.79
C2 MAN C . -20.78 -22.46 -21.19
C3 MAN C . -21.75 -21.26 -21.17
C4 MAN C . -22.87 -21.52 -20.15
C5 MAN C . -22.29 -21.80 -18.74
C6 MAN C . -23.36 -22.23 -17.75
O2 MAN C . -21.53 -23.63 -21.55
O3 MAN C . -22.29 -21.06 -22.48
O4 MAN C . -23.72 -20.39 -20.07
O5 MAN C . -21.26 -22.82 -18.81
O6 MAN C . -24.47 -22.79 -18.45
C1 NAG D . 8.08 -3.67 28.55
C2 NAG D . 8.86 -4.58 29.54
C3 NAG D . 9.92 -3.78 30.28
C4 NAG D . 10.78 -3.00 29.33
C5 NAG D . 9.94 -2.19 28.39
C6 NAG D . 10.81 -1.51 27.32
C7 NAG D . 7.49 -6.27 30.58
C8 NAG D . 6.27 -6.46 31.49
N2 NAG D . 7.92 -5.02 30.56
O3 NAG D . 10.76 -4.64 31.04
O4 NAG D . 11.59 -2.11 30.13
O5 NAG D . 8.98 -3.00 27.69
O6 NAG D . 11.69 -2.43 26.71
O7 NAG D . 8.21 -7.22 30.25
C1 NAG D . 12.91 -2.24 29.79
C2 NAG D . 13.68 -1.04 30.37
C3 NAG D . 15.18 -1.20 30.24
C4 NAG D . 15.60 -2.55 30.75
C5 NAG D . 14.79 -3.64 30.13
C6 NAG D . 15.12 -5.00 30.76
C7 NAG D . 12.68 1.17 30.14
C8 NAG D . 12.55 2.36 29.18
N2 NAG D . 13.35 0.16 29.61
O3 NAG D . 15.79 -0.21 31.06
O4 NAG D . 16.99 -2.73 30.43
O5 NAG D . 13.39 -3.44 30.38
O6 NAG D . 14.45 -5.13 32.02
O7 NAG D . 12.00 1.05 31.16
C1 MAN D . 17.78 -3.30 31.64
C2 MAN D . 17.92 -2.63 32.99
C3 MAN D . 19.14 -1.71 33.02
C4 MAN D . 20.39 -2.39 32.45
C5 MAN D . 20.14 -3.18 31.14
C6 MAN D . 21.33 -4.02 30.70
O2 MAN D . 18.01 -3.62 34.01
O3 MAN D . 19.37 -1.29 34.36
O4 MAN D . 21.38 -1.41 32.21
O5 MAN D . 18.97 -4.03 31.25
O6 MAN D . 21.70 -4.93 31.74
C1 MAN E . -39.89 4.77 -16.72
C2 MAN E . -40.09 3.71 -17.80
C3 MAN E . -38.98 3.96 -18.83
C4 MAN E . -39.11 5.39 -19.41
C5 MAN E . -39.20 6.47 -18.31
C6 MAN E . -39.70 7.79 -18.90
O2 MAN E . -41.37 3.97 -18.38
O3 MAN E . -39.00 3.02 -19.89
O4 MAN E . -37.98 5.62 -20.24
O5 MAN E . -40.16 6.08 -17.29
O6 MAN E . -40.45 7.48 -20.08
C1 MAN F . -37.57 11.95 -13.35
C2 MAN F . -38.50 12.84 -12.57
C3 MAN F . -39.53 11.98 -11.84
C4 MAN F . -40.25 11.07 -12.85
C5 MAN F . -39.28 10.27 -13.75
C6 MAN F . -40.02 9.57 -14.89
O2 MAN F . -39.21 13.70 -13.48
O3 MAN F . -40.49 12.85 -11.24
O4 MAN F . -41.08 10.16 -12.15
O5 MAN F . -38.25 11.14 -14.31
O6 MAN F . -41.10 8.81 -14.34
C1 MAN G . -31.90 17.44 -6.71
C2 MAN G . -31.07 18.23 -7.69
C3 MAN G . -29.58 17.95 -7.41
C4 MAN G . -29.28 18.27 -5.93
C5 MAN G . -30.24 17.50 -5.00
C6 MAN G . -30.06 17.68 -3.52
O2 MAN G . -31.33 19.62 -7.50
O3 MAN G . -28.76 18.72 -8.28
O4 MAN G . -27.92 17.90 -5.69
O5 MAN G . -31.62 17.80 -5.34
O6 MAN G . -31.05 18.56 -3.00
C1 MAN H . -36.23 8.52 0.29
C2 MAN H . -36.49 7.97 1.67
C3 MAN H . -37.55 6.86 1.57
C4 MAN H . -38.83 7.47 0.94
C5 MAN H . -38.49 8.05 -0.45
C6 MAN H . -39.69 8.65 -1.17
O2 MAN H . -37.02 9.03 2.48
O3 MAN H . -37.84 6.31 2.84
O4 MAN H . -39.80 6.46 0.83
O5 MAN H . -37.42 9.04 -0.35
O6 MAN H . -40.41 7.59 -1.82
C1 MAN I . -38.72 8.55 -5.82
C2 MAN I . -39.26 9.72 -5.04
C3 MAN I . -40.68 9.43 -4.56
C4 MAN I . -41.57 8.92 -5.70
C5 MAN I . -40.91 7.76 -6.50
C6 MAN I . -41.72 7.46 -7.76
O2 MAN I . -39.25 10.89 -5.87
O3 MAN I . -41.23 10.61 -3.99
O4 MAN I . -42.79 8.43 -5.17
O5 MAN I . -39.56 8.12 -6.89
O6 MAN I . -40.85 6.99 -8.78
C1 MAN J . -32.50 1.62 0.52
C2 MAN J . -32.35 0.51 1.54
C3 MAN J . -33.76 0.03 1.90
C4 MAN J . -34.57 1.21 2.47
C5 MAN J . -34.57 2.43 1.49
C6 MAN J . -35.18 3.67 2.13
O2 MAN J . -31.69 1.02 2.69
O3 MAN J . -33.68 -1.04 2.82
O4 MAN J . -35.91 0.78 2.65
O5 MAN J . -33.23 2.74 1.04
O6 MAN J . -34.53 4.82 1.59
C1 MAN K . -40.86 3.01 -5.20
C2 MAN K . -41.99 3.63 -4.41
C3 MAN K . -43.31 3.04 -4.88
C4 MAN K . -43.48 3.07 -6.41
C5 MAN K . -42.22 2.60 -7.17
C6 MAN K . -42.29 2.94 -8.65
O2 MAN K . -41.95 5.05 -4.48
O3 MAN K . -44.39 3.71 -4.25
O4 MAN K . -44.56 2.21 -6.78
O5 MAN K . -41.02 3.20 -6.61
O6 MAN K . -43.46 2.33 -9.20
C1 MAN L . -40.92 -8.75 -13.31
C2 MAN L . -42.37 -9.07 -13.01
C3 MAN L . -42.83 -8.19 -11.85
C4 MAN L . -41.88 -8.28 -10.65
C5 MAN L . -40.39 -8.07 -11.05
C6 MAN L . -39.43 -8.41 -9.91
O2 MAN L . -42.48 -10.46 -12.69
O3 MAN L . -44.17 -8.49 -11.49
O4 MAN L . -42.25 -7.31 -9.68
O5 MAN L . -40.06 -8.93 -12.17
O6 MAN L . -38.16 -8.74 -10.46
C1 MAN M . -38.12 -4.86 -18.13
C2 MAN M . -38.31 -6.34 -18.34
C3 MAN M . -37.00 -6.94 -18.86
C4 MAN M . -36.63 -6.21 -20.17
C5 MAN M . -36.49 -4.69 -19.90
C6 MAN M . -36.13 -3.90 -21.15
O2 MAN M . -39.33 -6.52 -19.33
O3 MAN M . -37.19 -8.31 -19.17
O4 MAN M . -35.46 -6.77 -20.68
O5 MAN M . -37.73 -4.18 -19.34
O6 MAN M . -37.31 -3.26 -21.65
C1 MAN N . -23.31 15.13 2.13
C2 MAN N . -24.19 14.92 3.34
C3 MAN N . -25.55 15.59 3.10
C4 MAN N . -25.40 17.04 2.62
C5 MAN N . -24.35 17.19 1.49
C6 MAN N . -24.09 18.65 1.13
O2 MAN N . -23.56 15.42 4.51
O3 MAN N . -26.34 15.53 4.28
O4 MAN N . -26.66 17.49 2.13
O5 MAN N . -23.11 16.53 1.85
O6 MAN N . -24.48 18.88 -0.22
C1 MAN O . 41.59 8.21 9.93
C2 MAN O . 41.56 8.08 11.44
C3 MAN O . 40.52 9.08 11.95
C4 MAN O . 40.84 10.49 11.46
C5 MAN O . 40.98 10.54 9.91
C6 MAN O . 41.48 11.89 9.41
O2 MAN O . 42.84 8.37 11.98
O3 MAN O . 40.42 9.03 13.36
O4 MAN O . 39.82 11.38 11.88
O5 MAN O . 41.96 9.54 9.49
O6 MAN O . 42.83 11.74 8.97
C1 MAN P . 39.51 11.04 1.77
C2 MAN P . 40.67 10.64 0.89
C3 MAN P . 41.29 9.37 1.48
C4 MAN P . 41.73 9.66 2.93
C5 MAN P . 40.56 10.19 3.79
C6 MAN P . 41.08 10.70 5.14
O2 MAN P . 41.61 11.72 0.90
O3 MAN P . 42.38 8.91 0.70
O4 MAN P . 42.31 8.52 3.51
O5 MAN P . 39.92 11.33 3.12
O6 MAN P . 42.43 11.13 4.97
C1 MAN Q . 36.12 8.86 -7.33
C2 MAN Q . 35.48 8.75 -8.70
C3 MAN Q . 36.10 7.53 -9.38
C4 MAN Q . 37.63 7.68 -9.47
C5 MAN Q . 38.30 8.12 -8.14
C6 MAN Q . 39.72 8.61 -8.31
O2 MAN Q . 35.77 9.92 -9.46
O3 MAN Q . 35.53 7.34 -10.67
O4 MAN Q . 38.18 6.43 -9.87
O5 MAN Q . 37.52 9.16 -7.48
O6 MAN Q . 40.25 8.92 -7.02
C1 MAN R . 35.94 -1.48 -4.52
C2 MAN R . 36.05 -2.97 -4.75
C3 MAN R . 37.35 -3.47 -4.13
C4 MAN R . 38.52 -2.67 -4.74
C5 MAN R . 38.35 -1.15 -4.45
C6 MAN R . 39.42 -0.31 -5.14
O2 MAN R . 36.07 -3.23 -6.15
O3 MAN R . 37.51 -4.86 -4.42
O4 MAN R . 39.75 -3.13 -4.21
O5 MAN R . 37.06 -0.71 -4.94
O6 MAN R . 38.99 0.03 -6.46
C1 MAN S . 39.61 3.18 -0.04
C2 MAN S . 40.22 3.15 -1.43
C3 MAN S . 41.42 2.22 -1.44
C4 MAN S . 42.43 2.63 -0.33
C5 MAN S . 41.72 2.69 1.04
C6 MAN S . 42.64 3.17 2.16
O2 MAN S . 40.57 4.48 -1.82
O3 MAN S . 42.06 2.17 -2.70
O4 MAN S . 43.44 1.64 -0.28
O5 MAN S . 40.56 3.57 0.97
O6 MAN S . 41.92 3.13 3.39
C1 MAN T . 31.56 -4.92 0.25
C2 MAN T . 31.18 -6.37 0.37
C3 MAN T . 32.46 -7.20 0.52
C4 MAN T . 33.43 -6.91 -0.66
C5 MAN T . 33.74 -5.39 -0.72
C6 MAN T . 34.63 -5.02 -1.89
O2 MAN T . 30.46 -6.74 -0.80
O3 MAN T . 32.18 -8.58 0.62
O4 MAN T . 34.63 -7.64 -0.49
O5 MAN T . 32.51 -4.62 -0.77
O6 MAN T . 34.24 -5.78 -3.03
C1 MAN U . 40.97 -1.74 3.31
C2 MAN U . 42.14 -2.01 2.38
C3 MAN U . 43.44 -2.09 3.18
C4 MAN U . 43.59 -0.81 4.05
C5 MAN U . 42.34 -0.64 4.95
C6 MAN U . 42.44 0.54 5.90
O2 MAN U . 42.26 -0.99 1.40
O3 MAN U . 44.54 -2.22 2.30
O4 MAN U . 44.72 -0.94 4.89
O5 MAN U . 41.12 -0.58 4.15
O6 MAN U . 43.82 0.71 6.23
C1 MAN V . 37.26 -2.05 18.47
C2 MAN V . 36.74 -1.89 19.89
C3 MAN V . 37.92 -1.92 20.84
C4 MAN V . 38.84 -3.13 20.61
C5 MAN V . 39.17 -3.38 19.11
C6 MAN V . 39.78 -4.76 18.88
O2 MAN V . 35.82 -2.96 20.15
O3 MAN V . 37.47 -1.92 22.19
O4 MAN V . 40.06 -2.93 21.32
O5 MAN V . 37.96 -3.29 18.30
O6 MAN V . 38.72 -5.70 18.65
C1 MAN W . 38.23 3.36 17.66
C2 MAN W . 37.95 2.90 19.08
C3 MAN W . 36.79 3.75 19.63
C4 MAN W . 37.16 5.24 19.54
C5 MAN W . 37.59 5.63 18.10
C6 MAN W . 38.09 7.07 17.99
O2 MAN W . 39.10 3.18 19.88
O3 MAN W . 36.56 3.37 20.98
O4 MAN W . 36.03 6.02 19.92
O5 MAN W . 38.64 4.74 17.62
O6 MAN W . 37.27 7.91 18.82
C1 MAN X . 25.56 4.95 -11.15
C2 MAN X . 24.65 4.70 -12.32
C3 MAN X . 24.62 3.19 -12.57
C4 MAN X . 26.03 2.62 -12.77
C5 MAN X . 27.17 3.30 -12.04
C6 MAN X . 28.37 3.52 -12.99
O2 MAN X . 25.17 5.37 -13.48
O3 MAN X . 23.82 2.94 -13.73
O4 MAN X . 26.03 1.24 -12.49
O5 MAN X . 26.91 4.57 -11.39
O6 MAN X . 28.39 4.92 -13.32
CD CD Y . 2.29 5.17 -11.89
CD CD Z . -0.78 12.49 4.22
CD CD AA . -5.57 -5.94 31.76
#